data_6HPD
#
_entry.id   6HPD
#
_cell.length_a   157.929
_cell.length_b   67.170
_cell.length_c   96.720
_cell.angle_alpha   90.00
_cell.angle_beta   95.93
_cell.angle_gamma   90.00
#
_symmetry.space_group_name_H-M   'C 1 2 1'
#
loop_
_entity.id
_entity.type
_entity.pdbx_description
1 polymer 'Beta-galactosidase (GH2)'
2 non-polymer 'BROMIDE ION'
3 non-polymer 'MAGNESIUM ION'
4 water water
#
_entity_poly.entity_id   1
_entity_poly.type   'polypeptide(L)'
_entity_poly.pdbx_seq_one_letter_code
;MKNYIALCLLTILCSCAQQQQQQQQDTEVITSSERTTYNFNVDWKFIKSNPKQAQDINYNDATWETISCPHTFNDVDTFD
DLSHGHHDGEDNQWRGTVWYRKHFKLPKDDKGKKVFIEFESVRQIADVYINGVHLGQNQTGFIPFGFDLTPHLKFGEENI
IAVKVNNDRGDHFRENFPLVWNHEHWHPTHGGIYRNVFLHTMDPLHITLPLYDNLETVGTYVYAENISEKSADITVETEI
QNEHAENKNITLVTQIVDNDGAVVAHSNKNVAIPSGQKMKVTTVTNIQNPQLWYTRYPYMYKVVSAIKESNKVIDTYESP
LGIRNFDFNKDSGFWINGEQIKLHGWGQKPTNAWAGLGAALPDWLRDFTFKLMDEAGGNFIRWGHCAASPAEVDMGDKYG
FVTLMPGVSGESEDEGETWDIRYKAFKDLIVYYRNHPSIFIWEGGNWAESEAHYKEILEAIKTFDPKGKRLMGNRRADVK
NDSEGYVSIEIGTEGWEREYPDLPIIESEYNREEAPRRIWDKNSPDDNFYNHPNISKNTYKLSSEEFAVRQADHWWNKMG
KKAYHSGGANWIFSDGPHGGRCPTEVTRASGEVDAVRLPKEAFYALKAMWRPEPQVHIVGHWNYEVGTKKTMYVMSNCAS
VKLYVNDKLVGTNSNPENGYVFKFDNVAWESGKIKAEGFIDDALKTTQTKETTGEPAALKLTSITGPEGWLADGSDVALI
DVEVVDAQGRRCPLAKGRVDFTISGPAIWRGGYNSGKPNSTNNLFLDIEAGINRVAVRSVLESGTVTIMAKKPGFKDVSV
TLKSLPIDFNNGLTTTLPQVYTNVLTKEPLPEHIPEMPEYIPGVKNRSELFRKFSYTGDGKAMLRTNMHWGKKAYTDLEY
NYTVLPRYLNESEYVRTPNSDNRYWARDQLQFIAGKKMHIYVLHDDTVPRPEFLLRDYEDTGDNVNVVGASMSVFHRVAE
EGESIIMAGNSDGDAPENCRMYTVMVKEFK
;
_entity_poly.pdbx_strand_id   A
#
# COMPACT_ATOMS: atom_id res chain seq x y z
N GLU A 28 -38.94 5.27 2.26
CA GLU A 28 -39.00 4.13 1.35
C GLU A 28 -37.80 3.19 1.55
N VAL A 29 -36.72 3.66 2.20
CA VAL A 29 -35.54 2.83 2.38
C VAL A 29 -35.63 2.01 3.67
N ILE A 30 -35.42 0.70 3.55
CA ILE A 30 -35.61 -0.20 4.68
C ILE A 30 -34.41 -0.10 5.61
N THR A 31 -34.64 0.40 6.82
CA THR A 31 -33.57 0.77 7.75
C THR A 31 -33.41 -0.23 8.89
N SER A 32 -34.46 -0.45 9.66
CA SER A 32 -34.35 -1.15 10.92
C SER A 32 -34.84 -2.59 10.78
N SER A 33 -34.20 -3.47 11.54
CA SER A 33 -34.47 -4.89 11.49
C SER A 33 -33.96 -5.48 12.80
N GLU A 34 -33.92 -6.80 12.87
CA GLU A 34 -33.34 -7.48 14.03
C GLU A 34 -31.82 -7.38 14.07
N ARG A 35 -31.17 -6.95 12.99
CA ARG A 35 -29.71 -6.94 12.96
C ARG A 35 -29.16 -5.69 13.65
N THR A 36 -28.14 -5.90 14.48
CA THR A 36 -27.36 -4.83 15.06
C THR A 36 -25.90 -5.14 14.81
N THR A 37 -25.17 -4.16 14.27
CA THR A 37 -23.73 -4.28 14.11
C THR A 37 -23.08 -3.42 15.18
N TYR A 38 -22.33 -4.04 16.08
CA TYR A 38 -21.60 -3.32 17.12
C TYR A 38 -20.15 -3.15 16.71
N ASN A 39 -19.63 -1.98 16.99
CA ASN A 39 -18.20 -1.78 17.02
C ASN A 39 -17.64 -2.51 18.23
N PHE A 40 -16.69 -3.42 18.00
CA PHE A 40 -16.11 -4.23 19.08
C PHE A 40 -14.69 -3.77 19.45
N ASN A 41 -14.31 -2.56 19.06
CA ASN A 41 -12.94 -2.09 19.27
C ASN A 41 -12.65 -1.60 20.69
N VAL A 42 -13.67 -1.18 21.42
CA VAL A 42 -13.49 -0.29 22.57
C VAL A 42 -13.35 -1.10 23.84
N ASP A 43 -12.27 -0.85 24.58
CA ASP A 43 -12.07 -1.36 25.94
C ASP A 43 -11.76 -2.86 25.97
N TRP A 44 -10.50 -3.19 25.71
CA TRP A 44 -9.97 -4.54 25.81
C TRP A 44 -8.89 -4.55 26.88
N LYS A 45 -8.58 -5.76 27.35
CA LYS A 45 -7.44 -5.98 28.22
C LYS A 45 -6.35 -6.64 27.38
N PHE A 46 -5.10 -6.23 27.59
CA PHE A 46 -4.01 -6.73 26.76
C PHE A 46 -2.77 -7.01 27.62
N ILE A 47 -2.04 -8.07 27.24
CA ILE A 47 -0.76 -8.37 27.88
C ILE A 47 0.22 -8.89 26.84
N LYS A 48 1.44 -8.35 26.89
CA LYS A 48 2.49 -8.78 25.97
C LYS A 48 3.26 -9.98 26.55
N SER A 49 2.52 -11.08 26.74
CA SER A 49 3.08 -12.36 27.15
C SER A 49 2.03 -13.44 26.94
N ASN A 50 2.38 -14.68 27.31
CA ASN A 50 1.57 -15.87 27.08
C ASN A 50 1.28 -16.58 28.40
N PRO A 51 0.46 -16.00 29.27
CA PRO A 51 0.12 -16.68 30.52
C PRO A 51 -0.74 -17.91 30.30
N LYS A 52 -0.54 -18.90 31.17
CA LYS A 52 -1.32 -20.12 31.13
C LYS A 52 -2.79 -19.83 31.43
N GLN A 53 -3.67 -20.48 30.67
CA GLN A 53 -5.12 -20.41 30.88
C GLN A 53 -5.66 -18.99 30.73
N ALA A 54 -5.04 -18.18 29.88
CA ALA A 54 -5.47 -16.79 29.70
C ALA A 54 -6.83 -16.68 29.04
N GLN A 55 -7.30 -17.73 28.37
CA GLN A 55 -8.63 -17.72 27.78
C GLN A 55 -9.75 -18.01 28.77
N ASP A 56 -9.45 -18.37 30.02
CA ASP A 56 -10.51 -18.84 30.91
C ASP A 56 -11.44 -17.71 31.34
N ILE A 57 -12.70 -18.10 31.56
CA ILE A 57 -13.71 -17.17 32.06
C ILE A 57 -13.21 -16.42 33.28
N ASN A 58 -12.66 -17.13 34.26
CA ASN A 58 -12.30 -16.52 35.53
C ASN A 58 -10.80 -16.28 35.65
N TYR A 59 -10.12 -16.09 34.52
CA TYR A 59 -8.77 -15.55 34.59
C TYR A 59 -8.84 -14.09 35.01
N ASN A 60 -7.96 -13.70 35.94
CA ASN A 60 -7.92 -12.34 36.46
C ASN A 60 -7.05 -11.49 35.54
N ASP A 61 -7.67 -10.66 34.70
CA ASP A 61 -6.95 -9.77 33.82
C ASP A 61 -6.91 -8.33 34.34
N ALA A 62 -7.14 -8.12 35.64
CA ALA A 62 -7.18 -6.76 36.18
C ALA A 62 -5.86 -6.03 35.99
N THR A 63 -4.73 -6.73 35.98
CA THR A 63 -3.43 -6.09 35.84
C THR A 63 -3.02 -5.93 34.38
N TRP A 64 -3.81 -6.45 33.44
CA TRP A 64 -3.50 -6.24 32.04
C TRP A 64 -3.72 -4.79 31.65
N GLU A 65 -3.25 -4.44 30.47
CA GLU A 65 -3.34 -3.08 29.97
C GLU A 65 -4.70 -2.87 29.32
N THR A 66 -5.33 -1.73 29.62
CA THR A 66 -6.59 -1.34 28.98
C THR A 66 -6.26 -0.68 27.65
N ILE A 67 -6.71 -1.26 26.55
CA ILE A 67 -6.48 -0.70 25.22
C ILE A 67 -7.78 -0.70 24.43
N SER A 68 -7.70 -0.21 23.20
CA SER A 68 -8.79 -0.34 22.25
C SER A 68 -8.19 -0.70 20.90
N CYS A 69 -8.96 -1.42 20.11
CA CYS A 69 -8.51 -1.64 18.75
C CYS A 69 -8.88 -0.43 17.87
N PRO A 70 -8.20 -0.24 16.73
CA PRO A 70 -7.00 -0.93 16.24
C PRO A 70 -5.84 -0.77 17.22
N HIS A 71 -5.07 -1.84 17.38
CA HIS A 71 -4.02 -1.83 18.37
C HIS A 71 -2.86 -2.68 17.86
N THR A 72 -1.64 -2.22 18.14
CA THR A 72 -0.43 -3.02 17.98
C THR A 72 0.53 -2.76 19.11
N PHE A 73 1.13 -3.83 19.61
CA PHE A 73 2.13 -3.71 20.65
C PHE A 73 3.50 -3.34 20.09
N ASN A 74 3.64 -3.22 18.76
CA ASN A 74 4.88 -2.75 18.14
C ASN A 74 4.82 -1.27 17.78
N ASP A 75 3.91 -0.51 18.37
CA ASP A 75 3.91 0.92 18.13
C ASP A 75 5.08 1.58 18.84
N VAL A 76 5.58 0.98 19.92
CA VAL A 76 6.60 1.60 20.76
C VAL A 76 8.02 1.16 20.40
N ASP A 77 8.20 0.23 19.45
CA ASP A 77 9.55 -0.25 19.14
C ASP A 77 9.76 -0.43 17.64
N THR A 78 9.03 0.32 16.82
CA THR A 78 9.29 0.37 15.39
C THR A 78 9.58 1.82 14.98
N PHE A 79 10.13 1.97 13.76
CA PHE A 79 10.62 3.25 13.22
C PHE A 79 11.75 3.85 14.04
N ASP A 80 12.43 3.03 14.86
CA ASP A 80 13.49 3.50 15.74
C ASP A 80 14.84 2.85 15.47
N ASP A 81 14.96 2.03 14.44
CA ASP A 81 16.21 1.42 14.05
C ASP A 81 16.58 1.87 12.65
N LEU A 82 17.82 2.28 12.45
CA LEU A 82 18.26 2.66 11.11
C LEU A 82 18.19 1.43 10.19
N SER A 83 17.81 1.67 8.94
CA SER A 83 17.63 0.58 7.99
C SER A 83 18.90 -0.24 7.84
N HIS A 84 18.71 -1.56 7.64
CA HIS A 84 19.81 -2.46 7.29
C HIS A 84 20.30 -2.23 5.87
N GLY A 85 19.43 -1.79 4.97
CA GLY A 85 19.74 -1.87 3.57
C GLY A 85 19.52 -3.29 3.07
N HIS A 86 19.94 -3.54 1.83
CA HIS A 86 19.86 -4.87 1.21
C HIS A 86 18.43 -5.42 1.25
N HIS A 87 17.44 -4.53 1.27
CA HIS A 87 16.03 -4.89 1.30
C HIS A 87 15.67 -5.75 2.52
N ASP A 88 16.39 -5.57 3.63
CA ASP A 88 16.05 -6.25 4.88
C ASP A 88 15.32 -5.26 5.77
N GLY A 89 14.08 -5.58 6.15
CA GLY A 89 13.27 -4.67 6.93
C GLY A 89 13.65 -4.67 8.40
N GLU A 90 12.96 -3.80 9.16
CA GLU A 90 13.28 -3.63 10.57
C GLU A 90 12.93 -4.89 11.34
N ASP A 91 13.93 -5.51 11.99
CA ASP A 91 13.67 -6.71 12.78
C ASP A 91 13.87 -6.52 14.29
N ASN A 92 14.42 -5.39 14.73
CA ASN A 92 14.66 -5.16 16.16
C ASN A 92 13.36 -4.68 16.82
N GLN A 93 12.43 -5.61 16.95
CA GLN A 93 11.12 -5.33 17.53
C GLN A 93 10.66 -6.57 18.28
N TRP A 94 9.77 -6.37 19.25
CA TRP A 94 9.28 -7.50 20.03
C TRP A 94 8.42 -8.44 19.16
N ARG A 95 8.69 -9.74 19.24
CA ARG A 95 7.88 -10.75 18.57
C ARG A 95 7.62 -11.93 19.51
N GLY A 96 6.41 -12.48 19.44
CA GLY A 96 6.05 -13.63 20.27
C GLY A 96 4.54 -13.76 20.39
N THR A 97 4.11 -14.33 21.50
CA THR A 97 2.70 -14.61 21.74
C THR A 97 2.16 -13.67 22.81
N VAL A 98 1.03 -13.05 22.51
CA VAL A 98 0.36 -12.08 23.35
C VAL A 98 -1.12 -12.47 23.48
N TRP A 99 -1.85 -11.78 24.35
CA TRP A 99 -3.26 -12.09 24.58
C TRP A 99 -4.07 -10.80 24.69
N TYR A 100 -5.27 -10.84 24.11
CA TYR A 100 -6.32 -9.86 24.31
C TYR A 100 -7.50 -10.53 24.97
N ARG A 101 -8.19 -9.80 25.86
CA ARG A 101 -9.45 -10.27 26.43
C ARG A 101 -10.41 -9.10 26.46
N LYS A 102 -11.67 -9.33 26.07
CA LYS A 102 -12.71 -8.30 26.09
C LYS A 102 -13.95 -8.81 26.81
N HIS A 103 -14.44 -8.01 27.75
CA HIS A 103 -15.69 -8.25 28.46
C HIS A 103 -16.83 -7.49 27.79
N PHE A 104 -18.00 -8.12 27.74
CA PHE A 104 -19.16 -7.46 27.14
C PHE A 104 -20.42 -8.19 27.57
N LYS A 105 -21.53 -7.48 27.52
CA LYS A 105 -22.82 -8.03 27.89
C LYS A 105 -23.82 -7.64 26.82
N LEU A 106 -24.49 -8.59 26.30
CA LEU A 106 -25.62 -8.37 25.41
C LEU A 106 -26.92 -8.34 26.22
N PRO A 107 -27.91 -7.57 25.78
CA PRO A 107 -29.21 -7.60 26.45
C PRO A 107 -29.75 -9.01 26.53
N LYS A 108 -30.33 -9.35 27.69
CA LYS A 108 -31.12 -10.57 27.78
C LYS A 108 -32.26 -10.56 26.77
N ASP A 109 -32.59 -9.36 26.25
CA ASP A 109 -33.50 -9.19 25.12
C ASP A 109 -33.06 -10.03 23.92
N ASP A 110 -31.77 -10.00 23.58
CA ASP A 110 -31.22 -10.71 22.43
C ASP A 110 -31.08 -12.21 22.64
N LYS A 111 -31.77 -12.78 23.63
CA LYS A 111 -31.51 -14.16 24.05
C LYS A 111 -31.68 -15.16 22.91
N GLY A 112 -32.52 -14.85 21.92
CA GLY A 112 -32.65 -15.79 20.83
C GLY A 112 -32.00 -15.35 19.53
N LYS A 113 -30.96 -14.54 19.57
CA LYS A 113 -30.34 -14.00 18.38
C LYS A 113 -29.04 -14.73 18.06
N LYS A 114 -28.73 -14.82 16.76
CA LYS A 114 -27.39 -15.22 16.35
C LYS A 114 -26.39 -14.14 16.69
N VAL A 115 -25.19 -14.52 17.11
CA VAL A 115 -24.13 -13.56 17.44
C VAL A 115 -22.84 -13.97 16.74
N PHE A 116 -22.32 -13.09 15.90
CA PHE A 116 -21.08 -13.34 15.20
C PHE A 116 -20.02 -12.29 15.57
N ILE A 117 -18.77 -12.72 15.64
CA ILE A 117 -17.65 -11.79 15.77
C ILE A 117 -16.87 -11.79 14.45
N GLU A 118 -16.48 -10.61 14.01
CA GLU A 118 -15.73 -10.42 12.77
C GLU A 118 -14.42 -9.71 13.08
N PHE A 119 -13.31 -10.28 12.60
CA PHE A 119 -12.00 -9.65 12.70
C PHE A 119 -11.59 -9.20 11.31
N GLU A 120 -11.35 -7.90 11.15
CA GLU A 120 -10.84 -7.42 9.87
C GLU A 120 -9.47 -8.02 9.56
N SER A 121 -8.60 -8.13 10.57
CA SER A 121 -7.29 -8.78 10.45
C SER A 121 -6.65 -8.84 11.82
N VAL A 122 -5.88 -9.89 12.04
CA VAL A 122 -5.01 -10.01 13.22
C VAL A 122 -3.65 -10.48 12.72
N ARG A 123 -2.58 -9.88 13.24
CA ARG A 123 -1.22 -10.16 12.78
C ARG A 123 -0.44 -10.84 13.89
N GLN A 124 0.04 -12.06 13.65
CA GLN A 124 -0.12 -12.81 12.40
C GLN A 124 -1.05 -14.03 12.53
N ILE A 125 -0.90 -14.80 13.61
CA ILE A 125 -1.72 -15.98 13.89
C ILE A 125 -2.66 -15.64 15.06
N ALA A 126 -3.97 -15.77 14.84
CA ALA A 126 -4.96 -15.48 15.87
C ALA A 126 -5.71 -16.75 16.26
N ASP A 127 -5.91 -16.91 17.56
CA ASP A 127 -6.76 -17.97 18.10
C ASP A 127 -7.82 -17.28 18.94
N VAL A 128 -9.08 -17.53 18.65
CA VAL A 128 -10.17 -16.83 19.30
C VAL A 128 -10.90 -17.79 20.22
N TYR A 129 -11.28 -17.30 21.39
CA TYR A 129 -12.02 -18.08 22.37
C TYR A 129 -13.19 -17.25 22.85
N ILE A 130 -14.30 -17.94 23.12
CA ILE A 130 -15.48 -17.33 23.71
C ILE A 130 -15.79 -18.10 24.99
N ASN A 131 -15.74 -17.40 26.12
CA ASN A 131 -15.99 -17.99 27.42
C ASN A 131 -15.17 -19.27 27.63
N GLY A 132 -13.91 -19.22 27.19
CA GLY A 132 -13.01 -20.34 27.34
C GLY A 132 -13.06 -21.40 26.26
N VAL A 133 -14.04 -21.36 25.35
CA VAL A 133 -14.17 -22.33 24.26
C VAL A 133 -13.41 -21.82 23.05
N HIS A 134 -12.46 -22.63 22.58
CA HIS A 134 -11.68 -22.28 21.39
C HIS A 134 -12.57 -22.33 20.15
N LEU A 135 -12.58 -21.24 19.37
CA LEU A 135 -13.36 -21.18 18.13
C LEU A 135 -12.56 -21.56 16.90
N GLY A 136 -11.23 -21.42 16.93
CA GLY A 136 -10.44 -21.72 15.76
C GLY A 136 -9.33 -20.72 15.55
N GLN A 137 -8.55 -20.93 14.50
CA GLN A 137 -7.41 -20.06 14.22
C GLN A 137 -7.53 -19.48 12.82
N ASN A 138 -6.86 -18.34 12.62
CA ASN A 138 -6.64 -17.80 11.28
C ASN A 138 -5.20 -17.32 11.20
N GLN A 139 -4.46 -17.79 10.19
CA GLN A 139 -3.04 -17.49 10.02
C GLN A 139 -2.79 -16.58 8.82
N THR A 140 -3.81 -15.89 8.31
CA THR A 140 -3.60 -15.09 7.11
C THR A 140 -2.89 -13.78 7.43
N GLY A 141 -3.20 -13.18 8.58
CA GLY A 141 -2.60 -11.92 8.96
C GLY A 141 -3.21 -10.69 8.33
N PHE A 142 -3.91 -10.83 7.18
CA PHE A 142 -4.39 -9.66 6.43
C PHE A 142 -5.79 -9.84 5.86
N ILE A 143 -6.44 -10.97 6.08
CA ILE A 143 -7.74 -11.28 5.50
C ILE A 143 -8.78 -11.37 6.61
N PRO A 144 -10.00 -10.85 6.41
CA PRO A 144 -11.02 -10.94 7.46
C PRO A 144 -11.41 -12.38 7.77
N PHE A 145 -11.95 -12.56 8.97
CA PHE A 145 -12.48 -13.86 9.37
C PHE A 145 -13.45 -13.63 10.53
N GLY A 146 -14.24 -14.67 10.82
CA GLY A 146 -15.23 -14.52 11.87
C GLY A 146 -15.74 -15.85 12.36
N PHE A 147 -16.48 -15.79 13.47
CA PHE A 147 -16.96 -17.00 14.10
C PHE A 147 -18.33 -16.76 14.69
N ASP A 148 -19.06 -17.86 14.85
CA ASP A 148 -20.37 -17.88 15.47
C ASP A 148 -20.19 -18.10 16.97
N LEU A 149 -20.56 -17.11 17.77
CA LEU A 149 -20.42 -17.21 19.22
C LEU A 149 -21.62 -17.85 19.89
N THR A 150 -22.75 -17.91 19.17
CA THR A 150 -24.05 -18.23 19.77
C THR A 150 -24.07 -19.46 20.66
N PRO A 151 -23.50 -20.62 20.28
CA PRO A 151 -23.63 -21.80 21.15
C PRO A 151 -23.00 -21.63 22.51
N HIS A 152 -22.12 -20.64 22.70
CA HIS A 152 -21.36 -20.51 23.94
C HIS A 152 -21.66 -19.22 24.71
N LEU A 153 -22.64 -18.47 24.26
CA LEU A 153 -22.98 -17.19 24.87
C LEU A 153 -23.86 -17.36 26.09
N LYS A 154 -23.61 -16.55 27.11
CA LYS A 154 -24.46 -16.45 28.29
C LYS A 154 -25.20 -15.12 28.23
N PHE A 155 -26.45 -15.14 27.77
CA PHE A 155 -27.21 -13.90 27.67
C PHE A 155 -27.66 -13.44 29.06
N GLY A 156 -27.70 -12.13 29.26
CA GLY A 156 -27.96 -11.61 30.59
C GLY A 156 -26.81 -11.73 31.54
N GLU A 157 -25.65 -12.19 31.07
CA GLU A 157 -24.44 -12.30 31.87
C GLU A 157 -23.26 -11.78 31.05
N GLU A 158 -22.17 -11.49 31.76
CA GLU A 158 -20.96 -11.05 31.09
C GLU A 158 -20.37 -12.18 30.28
N ASN A 159 -19.91 -11.87 29.07
CA ASN A 159 -19.17 -12.79 28.24
C ASN A 159 -17.73 -12.31 28.08
N ILE A 160 -16.87 -13.21 27.66
CA ILE A 160 -15.45 -12.87 27.51
C ILE A 160 -14.93 -13.47 26.22
N ILE A 161 -14.50 -12.60 25.32
CA ILE A 161 -13.72 -13.00 24.15
C ILE A 161 -12.24 -12.98 24.55
N ALA A 162 -11.50 -14.01 24.17
CA ALA A 162 -10.04 -13.98 24.29
C ALA A 162 -9.41 -14.26 22.94
N VAL A 163 -8.35 -13.54 22.64
CA VAL A 163 -7.62 -13.64 21.38
C VAL A 163 -6.16 -13.85 21.74
N LYS A 164 -5.63 -15.02 21.42
CA LYS A 164 -4.20 -15.26 21.58
C LYS A 164 -3.54 -14.99 20.21
N VAL A 165 -2.52 -14.14 20.21
CA VAL A 165 -1.95 -13.64 18.97
C VAL A 165 -0.45 -13.92 18.96
N ASN A 166 0.07 -14.29 17.80
CA ASN A 166 1.49 -14.55 17.62
C ASN A 166 1.97 -13.83 16.36
N ASN A 167 3.08 -13.10 16.48
CA ASN A 167 3.66 -12.39 15.34
C ASN A 167 5.11 -12.79 15.09
N ASP A 168 5.49 -13.99 15.56
CA ASP A 168 6.79 -14.55 15.23
C ASP A 168 6.91 -14.81 13.73
N ARG A 169 8.16 -14.92 13.28
CA ARG A 169 8.47 -15.25 11.89
C ARG A 169 9.91 -15.73 11.85
N GLY A 170 10.20 -16.61 10.89
CA GLY A 170 11.56 -17.07 10.70
C GLY A 170 12.45 -15.92 10.25
N ASP A 171 13.70 -15.93 10.75
CA ASP A 171 14.65 -14.85 10.47
C ASP A 171 14.84 -14.64 8.97
N HIS A 172 15.09 -15.71 8.22
CA HIS A 172 15.42 -15.61 6.81
C HIS A 172 14.14 -15.62 5.97
N PHE A 173 13.97 -14.61 5.11
CA PHE A 173 12.74 -14.51 4.33
C PHE A 173 12.57 -15.67 3.34
N ARG A 174 13.65 -16.36 2.97
CA ARG A 174 13.55 -17.54 2.10
C ARG A 174 13.34 -18.83 2.87
N GLU A 175 13.44 -18.81 4.21
CA GLU A 175 13.23 -19.98 5.06
C GLU A 175 12.25 -19.61 6.18
N ASN A 176 10.98 -19.45 5.82
CA ASN A 176 9.97 -18.87 6.72
C ASN A 176 8.63 -19.51 6.34
N PHE A 177 8.49 -20.80 6.65
CA PHE A 177 7.34 -21.58 6.20
C PHE A 177 6.39 -21.91 7.35
N PRO A 178 5.08 -21.98 7.09
CA PRO A 178 4.46 -21.77 5.77
C PRO A 178 4.10 -20.31 5.43
N LEU A 179 4.04 -19.40 6.40
CA LEU A 179 3.50 -18.06 6.16
C LEU A 179 4.57 -17.15 5.55
N VAL A 180 4.94 -17.46 4.30
CA VAL A 180 6.07 -16.80 3.67
C VAL A 180 5.83 -15.30 3.45
N TRP A 181 4.57 -14.84 3.38
CA TRP A 181 4.34 -13.41 3.30
C TRP A 181 4.57 -12.71 4.62
N ASN A 182 4.70 -13.46 5.72
CA ASN A 182 4.87 -12.85 7.05
C ASN A 182 6.35 -12.62 7.35
N HIS A 183 6.87 -11.45 6.93
CA HIS A 183 8.27 -11.08 7.08
C HIS A 183 8.43 -9.60 6.79
N GLU A 184 9.17 -8.89 7.67
CA GLU A 184 9.44 -7.47 7.50
C GLU A 184 10.16 -7.16 6.19
N HIS A 185 10.70 -8.18 5.49
CA HIS A 185 11.26 -7.96 4.16
C HIS A 185 10.31 -7.12 3.30
N TRP A 186 9.02 -7.50 3.29
CA TRP A 186 7.97 -6.76 2.62
C TRP A 186 6.93 -6.17 3.57
N HIS A 187 6.76 -6.74 4.76
CA HIS A 187 5.61 -6.44 5.63
C HIS A 187 6.06 -6.36 7.08
N PRO A 188 6.39 -5.18 7.58
CA PRO A 188 6.79 -5.04 9.00
C PRO A 188 5.87 -5.81 9.93
N THR A 189 6.47 -6.61 10.81
CA THR A 189 5.73 -7.63 11.57
C THR A 189 5.08 -7.02 12.82
N HIS A 190 4.26 -5.98 12.61
CA HIS A 190 3.60 -5.27 13.69
C HIS A 190 2.41 -6.11 14.16
N GLY A 191 2.56 -6.74 15.32
CA GLY A 191 1.60 -7.74 15.74
C GLY A 191 0.38 -7.15 16.44
N GLY A 192 -0.69 -7.94 16.42
CA GLY A 192 -1.88 -7.62 17.19
C GLY A 192 -3.08 -7.39 16.31
N ILE A 193 -4.15 -6.91 16.94
CA ILE A 193 -5.42 -6.69 16.28
C ILE A 193 -5.38 -5.32 15.63
N TYR A 194 -4.69 -5.20 14.48
CA TYR A 194 -4.35 -3.90 13.94
C TYR A 194 -5.43 -3.35 13.01
N ARG A 195 -6.57 -4.02 12.92
CA ARG A 195 -7.73 -3.50 12.21
C ARG A 195 -8.94 -3.70 13.10
N ASN A 196 -10.12 -3.41 12.57
CA ASN A 196 -11.33 -3.33 13.38
C ASN A 196 -11.89 -4.69 13.73
N VAL A 197 -12.69 -4.71 14.80
CA VAL A 197 -13.42 -5.88 15.24
C VAL A 197 -14.89 -5.48 15.39
N PHE A 198 -15.77 -6.36 14.97
CA PHE A 198 -17.19 -6.09 15.01
C PHE A 198 -17.92 -7.28 15.61
N LEU A 199 -19.04 -6.98 16.25
CA LEU A 199 -19.99 -7.96 16.72
C LEU A 199 -21.28 -7.75 15.95
N HIS A 200 -21.79 -8.82 15.34
CA HIS A 200 -23.01 -8.80 14.54
C HIS A 200 -24.07 -9.63 15.25
N THR A 201 -25.17 -9.01 15.67
CA THR A 201 -26.29 -9.77 16.21
C THR A 201 -27.47 -9.67 15.26
N MET A 202 -28.16 -10.77 15.08
CA MET A 202 -29.20 -10.81 14.06
C MET A 202 -30.16 -11.94 14.37
N ASP A 203 -31.30 -11.91 13.69
CA ASP A 203 -32.28 -12.95 13.78
C ASP A 203 -31.70 -14.29 13.29
N PRO A 204 -32.17 -15.41 13.83
CA PRO A 204 -31.80 -16.72 13.27
C PRO A 204 -32.08 -16.84 11.80
N LEU A 205 -33.05 -16.08 11.27
CA LEU A 205 -33.31 -16.02 9.84
C LEU A 205 -32.60 -14.76 9.33
N HIS A 206 -31.58 -14.95 8.51
CA HIS A 206 -30.72 -13.82 8.19
C HIS A 206 -29.98 -14.06 6.87
N ILE A 207 -29.63 -12.96 6.21
CA ILE A 207 -28.64 -12.99 5.15
C ILE A 207 -27.30 -13.35 5.77
N THR A 208 -26.51 -14.17 5.08
CA THR A 208 -25.30 -14.65 5.70
C THR A 208 -24.19 -13.59 5.60
N LEU A 209 -23.14 -13.79 6.39
CA LEU A 209 -21.99 -12.88 6.43
C LEU A 209 -20.93 -13.35 5.44
N PRO A 210 -20.25 -12.45 4.73
CA PRO A 210 -19.25 -12.87 3.74
C PRO A 210 -17.91 -13.23 4.36
N LEU A 211 -17.93 -13.98 5.46
CA LEU A 211 -16.72 -14.43 6.16
C LEU A 211 -16.56 -15.93 5.94
N TYR A 212 -15.97 -16.29 4.80
CA TYR A 212 -15.85 -17.70 4.46
C TYR A 212 -15.12 -18.49 5.55
N ASP A 213 -14.09 -17.89 6.16
CA ASP A 213 -13.43 -18.44 7.33
C ASP A 213 -14.11 -17.85 8.57
N ASN A 214 -14.82 -18.69 9.34
CA ASN A 214 -15.00 -20.11 9.08
C ASN A 214 -16.47 -20.44 8.93
N LEU A 215 -17.29 -19.43 8.62
CA LEU A 215 -18.72 -19.66 8.47
C LEU A 215 -19.08 -20.30 7.14
N GLU A 216 -18.15 -20.36 6.19
CA GLU A 216 -18.42 -20.91 4.87
C GLU A 216 -19.65 -20.27 4.22
N THR A 217 -19.83 -18.98 4.45
CA THR A 217 -20.93 -18.25 3.81
C THR A 217 -20.35 -17.09 3.00
N VAL A 218 -21.18 -16.55 2.10
CA VAL A 218 -20.69 -15.61 1.10
C VAL A 218 -21.53 -14.34 1.03
N GLY A 219 -22.61 -14.26 1.79
CA GLY A 219 -23.43 -13.05 1.78
C GLY A 219 -24.05 -12.77 0.41
N THR A 220 -23.86 -11.55 -0.10
CA THR A 220 -24.44 -11.11 -1.36
C THR A 220 -23.41 -11.12 -2.48
N TYR A 221 -23.90 -11.20 -3.72
CA TYR A 221 -23.08 -11.02 -4.91
C TYR A 221 -23.79 -10.05 -5.84
N VAL A 222 -23.15 -8.91 -6.11
CA VAL A 222 -23.72 -7.82 -6.90
C VAL A 222 -22.90 -7.68 -8.16
N TYR A 223 -23.55 -7.80 -9.33
CA TYR A 223 -22.87 -7.48 -10.57
C TYR A 223 -23.83 -6.79 -11.52
N ALA A 224 -23.27 -6.03 -12.47
CA ALA A 224 -24.02 -5.18 -13.38
C ALA A 224 -23.76 -5.60 -14.82
N GLU A 225 -24.84 -5.75 -15.59
CA GLU A 225 -24.76 -6.16 -16.97
C GLU A 225 -25.61 -5.24 -17.84
N ASN A 226 -25.35 -5.29 -19.15
CA ASN A 226 -26.04 -4.44 -20.12
C ASN A 226 -25.99 -2.97 -19.70
N ILE A 227 -24.79 -2.49 -19.40
CA ILE A 227 -24.64 -1.15 -18.86
C ILE A 227 -24.57 -0.15 -20.01
N SER A 228 -25.33 0.93 -19.88
CA SER A 228 -25.14 2.14 -20.68
C SER A 228 -25.57 3.33 -19.84
N GLU A 229 -25.45 4.53 -20.40
CA GLU A 229 -25.98 5.72 -19.74
C GLU A 229 -27.48 5.62 -19.54
N LYS A 230 -28.17 4.83 -20.37
CA LYS A 230 -29.62 4.76 -20.34
C LYS A 230 -30.15 3.73 -19.35
N SER A 231 -29.43 2.63 -19.17
CA SER A 231 -30.00 1.48 -18.48
C SER A 231 -28.86 0.63 -17.94
N ALA A 232 -29.18 -0.15 -16.90
CA ALA A 232 -28.26 -1.15 -16.38
C ALA A 232 -29.08 -2.16 -15.60
N ASP A 233 -28.66 -3.42 -15.66
CA ASP A 233 -29.35 -4.49 -14.94
C ASP A 233 -28.45 -5.00 -13.82
N ILE A 234 -28.94 -4.90 -12.58
CA ILE A 234 -28.18 -5.30 -11.40
C ILE A 234 -28.69 -6.65 -10.92
N THR A 235 -27.85 -7.67 -10.98
CA THR A 235 -28.16 -8.96 -10.40
C THR A 235 -27.57 -9.04 -9.00
N VAL A 236 -28.40 -9.44 -8.04
CA VAL A 236 -27.99 -9.67 -6.67
C VAL A 236 -28.38 -11.11 -6.32
N GLU A 237 -27.42 -11.91 -5.89
CA GLU A 237 -27.68 -13.22 -5.30
C GLU A 237 -27.48 -13.08 -3.81
N THR A 238 -28.54 -13.25 -3.05
CA THR A 238 -28.50 -13.09 -1.59
C THR A 238 -28.55 -14.47 -0.96
N GLU A 239 -27.47 -14.84 -0.26
CA GLU A 239 -27.46 -16.08 0.49
C GLU A 239 -28.18 -15.89 1.81
N ILE A 240 -29.23 -16.68 2.04
CA ILE A 240 -30.07 -16.57 3.22
C ILE A 240 -30.02 -17.89 3.97
N GLN A 241 -30.10 -17.82 5.30
CA GLN A 241 -29.98 -19.00 6.14
C GLN A 241 -31.10 -18.93 7.17
N ASN A 242 -31.81 -20.04 7.34
CA ASN A 242 -32.88 -20.13 8.31
C ASN A 242 -32.37 -21.02 9.45
N GLU A 243 -31.94 -20.39 10.53
CA GLU A 243 -31.46 -21.14 11.69
C GLU A 243 -32.54 -21.33 12.73
N HIS A 244 -33.79 -21.07 12.38
CA HIS A 244 -34.91 -21.44 13.23
C HIS A 244 -35.21 -22.91 13.06
N ALA A 245 -35.92 -23.47 14.04
CA ALA A 245 -36.35 -24.86 13.97
C ALA A 245 -37.62 -25.05 13.14
N GLU A 246 -38.17 -24.00 12.56
CA GLU A 246 -39.35 -24.12 11.70
C GLU A 246 -39.10 -23.44 10.35
N ASN A 247 -39.73 -23.97 9.31
CA ASN A 247 -39.64 -23.37 7.98
C ASN A 247 -40.13 -21.93 8.03
N LYS A 248 -39.59 -21.11 7.14
CA LYS A 248 -39.96 -19.70 7.04
C LYS A 248 -40.34 -19.37 5.61
N ASN A 249 -41.50 -18.74 5.44
CA ASN A 249 -41.92 -18.17 4.17
C ASN A 249 -41.63 -16.68 4.22
N ILE A 250 -40.77 -16.21 3.32
CA ILE A 250 -40.24 -14.86 3.42
C ILE A 250 -40.43 -14.12 2.10
N THR A 251 -40.27 -12.81 2.16
CA THR A 251 -40.11 -11.99 0.97
C THR A 251 -38.73 -11.35 1.03
N LEU A 252 -37.91 -11.59 0.01
CA LEU A 252 -36.62 -10.92 -0.12
C LEU A 252 -36.84 -9.62 -0.89
N VAL A 253 -36.38 -8.52 -0.32
CA VAL A 253 -36.45 -7.22 -0.97
C VAL A 253 -35.05 -6.79 -1.32
N THR A 254 -34.83 -6.46 -2.59
CA THR A 254 -33.61 -5.85 -3.07
C THR A 254 -33.93 -4.40 -3.41
N GLN A 255 -33.26 -3.46 -2.74
CA GLN A 255 -33.46 -2.04 -2.98
C GLN A 255 -32.17 -1.46 -3.54
N ILE A 256 -32.29 -0.68 -4.61
CA ILE A 256 -31.18 0.12 -5.12
C ILE A 256 -31.35 1.54 -4.61
N VAL A 257 -30.36 2.01 -3.84
CA VAL A 257 -30.38 3.31 -3.17
C VAL A 257 -29.27 4.18 -3.73
N ASP A 258 -29.61 5.38 -4.21
CA ASP A 258 -28.64 6.24 -4.87
C ASP A 258 -27.87 7.09 -3.84
N ASN A 259 -27.06 8.03 -4.35
CA ASN A 259 -26.18 8.81 -3.49
C ASN A 259 -26.92 9.70 -2.48
N ASP A 260 -28.17 10.05 -2.76
CA ASP A 260 -28.94 10.86 -1.82
C ASP A 260 -29.77 10.04 -0.86
N GLY A 261 -29.60 8.72 -0.82
CA GLY A 261 -30.42 7.90 0.03
C GLY A 261 -31.83 7.65 -0.46
N ALA A 262 -32.08 7.78 -1.76
CA ALA A 262 -33.39 7.54 -2.34
C ALA A 262 -33.45 6.16 -2.96
N VAL A 263 -34.59 5.48 -2.82
CA VAL A 263 -34.78 4.18 -3.46
C VAL A 263 -35.09 4.43 -4.93
N VAL A 264 -34.19 3.98 -5.81
CA VAL A 264 -34.33 4.20 -7.25
C VAL A 264 -35.06 3.04 -7.93
N ALA A 265 -34.90 1.84 -7.40
CA ALA A 265 -35.52 0.65 -7.98
C ALA A 265 -35.46 -0.44 -6.93
N HIS A 266 -36.38 -1.41 -7.04
CA HIS A 266 -36.42 -2.51 -6.11
C HIS A 266 -36.98 -3.75 -6.79
N SER A 267 -36.77 -4.89 -6.15
CA SER A 267 -37.26 -6.17 -6.62
C SER A 267 -37.63 -7.03 -5.41
N ASN A 268 -38.61 -7.90 -5.60
CA ASN A 268 -39.11 -8.77 -4.56
C ASN A 268 -39.19 -10.19 -5.09
N LYS A 269 -39.00 -11.14 -4.18
CA LYS A 269 -39.17 -12.56 -4.47
C LYS A 269 -39.72 -13.21 -3.22
N ASN A 270 -40.74 -14.05 -3.39
CA ASN A 270 -41.35 -14.79 -2.29
C ASN A 270 -40.78 -16.21 -2.32
N VAL A 271 -40.09 -16.61 -1.26
CA VAL A 271 -39.48 -17.92 -1.19
C VAL A 271 -39.68 -18.50 0.20
N ALA A 272 -39.63 -19.82 0.27
CA ALA A 272 -39.63 -20.56 1.52
C ALA A 272 -38.22 -21.03 1.80
N ILE A 273 -37.73 -20.79 3.03
CA ILE A 273 -36.46 -21.31 3.49
C ILE A 273 -36.73 -22.44 4.48
N PRO A 274 -36.51 -23.69 4.10
CA PRO A 274 -36.67 -24.79 5.06
C PRO A 274 -35.76 -24.60 6.27
N SER A 275 -36.25 -25.09 7.40
CA SER A 275 -35.54 -25.01 8.67
C SER A 275 -34.13 -25.56 8.55
N GLY A 276 -33.15 -24.75 8.94
CA GLY A 276 -31.75 -25.15 8.92
C GLY A 276 -31.07 -25.04 7.59
N GLN A 277 -31.70 -24.43 6.59
CA GLN A 277 -31.17 -24.47 5.23
C GLN A 277 -30.53 -23.14 4.83
N LYS A 278 -29.56 -23.25 3.93
CA LYS A 278 -28.95 -22.14 3.22
C LYS A 278 -29.42 -22.18 1.77
N MET A 279 -29.83 -21.03 1.24
CA MET A 279 -30.07 -20.94 -0.19
C MET A 279 -29.76 -19.55 -0.71
N LYS A 280 -29.41 -19.49 -1.99
CA LYS A 280 -29.18 -18.24 -2.70
C LYS A 280 -30.46 -17.81 -3.40
N VAL A 281 -30.90 -16.58 -3.16
CA VAL A 281 -32.05 -16.01 -3.82
C VAL A 281 -31.56 -14.92 -4.76
N THR A 282 -31.97 -15.01 -6.02
CA THR A 282 -31.49 -14.13 -7.06
C THR A 282 -32.57 -13.10 -7.41
N THR A 283 -32.18 -11.82 -7.52
CA THR A 283 -33.03 -10.80 -8.11
C THR A 283 -32.26 -10.07 -9.19
N VAL A 284 -32.99 -9.63 -10.21
CA VAL A 284 -32.48 -8.80 -11.28
C VAL A 284 -33.25 -7.49 -11.25
N THR A 285 -32.56 -6.38 -11.05
CA THR A 285 -33.22 -5.09 -10.95
C THR A 285 -32.65 -4.12 -11.98
N ASN A 286 -33.53 -3.55 -12.80
CA ASN A 286 -33.15 -2.56 -13.79
C ASN A 286 -33.03 -1.17 -13.17
N ILE A 287 -32.00 -0.43 -13.57
CA ILE A 287 -31.87 0.97 -13.19
C ILE A 287 -32.00 1.80 -14.44
N GLN A 288 -32.92 2.75 -14.42
CA GLN A 288 -33.11 3.68 -15.51
C GLN A 288 -32.15 4.86 -15.32
N ASN A 289 -31.42 5.21 -16.39
CA ASN A 289 -30.43 6.28 -16.37
C ASN A 289 -29.48 6.15 -15.18
N PRO A 290 -28.73 5.06 -15.10
CA PRO A 290 -27.81 4.90 -13.97
C PRO A 290 -26.71 5.95 -13.98
N GLN A 291 -26.40 6.47 -12.80
CA GLN A 291 -25.16 7.21 -12.60
C GLN A 291 -24.02 6.20 -12.55
N LEU A 292 -23.16 6.22 -13.57
CA LEU A 292 -22.06 5.28 -13.65
C LEU A 292 -20.89 5.73 -12.76
N TRP A 293 -20.02 4.76 -12.48
CA TRP A 293 -18.86 4.94 -11.63
C TRP A 293 -17.64 5.22 -12.50
N TYR A 294 -17.07 6.42 -12.37
CA TYR A 294 -15.88 6.85 -13.07
C TYR A 294 -14.74 7.08 -12.07
N THR A 295 -13.51 7.03 -12.58
CA THR A 295 -12.39 7.45 -11.73
C THR A 295 -12.48 8.94 -11.41
N ARG A 296 -13.03 9.75 -12.31
CA ARG A 296 -13.15 11.18 -12.06
C ARG A 296 -14.51 11.57 -11.48
N TYR A 297 -15.38 10.58 -11.23
CA TYR A 297 -16.72 10.73 -10.65
C TYR A 297 -17.17 9.40 -10.06
N PRO A 298 -16.59 8.97 -8.94
CA PRO A 298 -16.89 7.61 -8.43
C PRO A 298 -18.25 7.52 -7.73
N TYR A 299 -19.32 7.68 -8.51
CA TYR A 299 -20.68 7.61 -7.99
C TYR A 299 -20.96 6.24 -7.38
N MET A 300 -21.39 6.25 -6.11
CA MET A 300 -21.60 5.02 -5.37
C MET A 300 -23.09 4.85 -5.09
N TYR A 301 -23.65 3.73 -5.53
CA TYR A 301 -24.94 3.25 -5.07
C TYR A 301 -24.74 2.33 -3.87
N LYS A 302 -25.84 2.01 -3.22
CA LYS A 302 -25.84 0.96 -2.22
C LYS A 302 -27.06 0.08 -2.46
N VAL A 303 -26.88 -1.21 -2.24
CA VAL A 303 -27.95 -2.20 -2.33
C VAL A 303 -28.37 -2.53 -0.91
N VAL A 304 -29.65 -2.39 -0.62
CA VAL A 304 -30.20 -2.79 0.68
C VAL A 304 -30.98 -4.09 0.44
N SER A 305 -30.52 -5.16 1.08
CA SER A 305 -31.19 -6.45 1.02
C SER A 305 -31.95 -6.66 2.32
N ALA A 306 -33.25 -6.98 2.21
CA ALA A 306 -34.10 -7.15 3.40
C ALA A 306 -34.87 -8.45 3.33
N ILE A 307 -34.93 -9.14 4.46
CA ILE A 307 -35.82 -10.27 4.64
C ILE A 307 -37.05 -9.75 5.37
N LYS A 308 -38.22 -9.96 4.76
CA LYS A 308 -39.50 -9.61 5.36
C LYS A 308 -40.32 -10.87 5.64
N GLU A 309 -41.12 -10.80 6.70
CA GLU A 309 -42.15 -11.77 7.03
C GLU A 309 -43.50 -11.03 7.07
N SER A 310 -44.00 -10.68 5.87
CA SER A 310 -45.25 -9.94 5.74
C SER A 310 -45.22 -8.64 6.53
N ASN A 311 -44.67 -7.59 5.92
CA ASN A 311 -44.67 -6.24 6.49
C ASN A 311 -43.79 -6.14 7.74
N LYS A 312 -43.24 -7.26 8.20
CA LYS A 312 -42.29 -7.25 9.31
C LYS A 312 -40.88 -7.51 8.78
N VAL A 313 -39.96 -6.62 9.06
CA VAL A 313 -38.60 -6.73 8.55
C VAL A 313 -37.78 -7.57 9.50
N ILE A 314 -37.23 -8.66 9.00
CA ILE A 314 -36.46 -9.56 9.84
C ILE A 314 -34.98 -9.20 9.83
N ASP A 315 -34.43 -8.93 8.64
CA ASP A 315 -33.00 -8.74 8.50
C ASP A 315 -32.73 -7.74 7.39
N THR A 316 -31.62 -7.01 7.52
CA THR A 316 -31.17 -6.11 6.47
C THR A 316 -29.67 -6.27 6.32
N TYR A 317 -29.20 -6.05 5.10
CA TYR A 317 -27.76 -6.07 4.84
C TYR A 317 -27.49 -5.15 3.65
N GLU A 318 -26.39 -4.40 3.73
CA GLU A 318 -26.04 -3.40 2.74
C GLU A 318 -24.79 -3.80 1.99
N SER A 319 -24.81 -3.64 0.67
CA SER A 319 -23.72 -3.99 -0.21
C SER A 319 -23.38 -2.80 -1.11
N PRO A 320 -22.10 -2.61 -1.43
CA PRO A 320 -21.71 -1.49 -2.30
C PRO A 320 -22.05 -1.78 -3.75
N LEU A 321 -22.25 -0.70 -4.53
CA LEU A 321 -22.59 -0.85 -5.94
C LEU A 321 -22.06 0.32 -6.75
N GLY A 322 -21.10 0.04 -7.63
CA GLY A 322 -20.67 1.01 -8.62
C GLY A 322 -20.83 0.43 -10.00
N ILE A 323 -21.52 1.14 -10.89
CA ILE A 323 -21.85 0.62 -12.21
C ILE A 323 -20.82 1.16 -13.21
N ARG A 324 -20.09 0.26 -13.87
CA ARG A 324 -19.11 0.70 -14.84
C ARG A 324 -18.81 -0.40 -15.85
N ASN A 325 -18.68 0.00 -17.12
CA ASN A 325 -18.02 -0.77 -18.14
C ASN A 325 -16.54 -0.38 -18.17
N PHE A 326 -15.69 -1.34 -18.50
CA PHE A 326 -14.27 -1.03 -18.61
C PHE A 326 -13.60 -1.97 -19.60
N ASP A 327 -12.42 -1.55 -20.05
CA ASP A 327 -11.62 -2.37 -20.96
C ASP A 327 -10.15 -2.05 -20.72
N PHE A 328 -9.39 -3.06 -20.32
CA PHE A 328 -7.93 -2.97 -20.34
C PHE A 328 -7.48 -3.42 -21.73
N ASN A 329 -7.18 -2.46 -22.59
CA ASN A 329 -6.96 -2.74 -24.00
C ASN A 329 -5.47 -2.89 -24.30
N LYS A 330 -5.13 -3.92 -25.07
CA LYS A 330 -3.73 -4.20 -25.39
C LYS A 330 -3.09 -3.12 -26.26
N ASP A 331 -3.89 -2.30 -26.93
CA ASP A 331 -3.36 -1.29 -27.84
C ASP A 331 -3.49 0.13 -27.34
N SER A 332 -4.53 0.45 -26.56
CA SER A 332 -4.81 1.84 -26.22
C SER A 332 -4.93 2.08 -24.72
N GLY A 333 -4.51 1.15 -23.87
CA GLY A 333 -4.56 1.38 -22.44
C GLY A 333 -5.95 1.11 -21.88
N PHE A 334 -6.26 1.80 -20.78
CA PHE A 334 -7.46 1.53 -19.99
C PHE A 334 -8.60 2.46 -20.38
N TRP A 335 -9.80 1.89 -20.49
CA TRP A 335 -11.02 2.64 -20.79
C TRP A 335 -12.04 2.40 -19.69
N ILE A 336 -12.84 3.41 -19.39
CA ILE A 336 -13.94 3.22 -18.46
C ILE A 336 -15.15 4.01 -18.94
N ASN A 337 -16.29 3.32 -19.10
CA ASN A 337 -17.51 3.92 -19.64
C ASN A 337 -17.23 4.70 -20.92
N GLY A 338 -16.39 4.14 -21.79
CA GLY A 338 -16.13 4.74 -23.09
C GLY A 338 -15.08 5.84 -23.10
N GLU A 339 -14.59 6.28 -21.94
CA GLU A 339 -13.51 7.24 -21.82
C GLU A 339 -12.21 6.51 -21.52
N GLN A 340 -11.14 6.86 -22.22
CA GLN A 340 -9.85 6.27 -21.91
C GLN A 340 -9.16 7.15 -20.87
N ILE A 341 -8.54 6.49 -19.90
CA ILE A 341 -8.04 7.11 -18.69
C ILE A 341 -6.66 6.51 -18.43
N LYS A 342 -5.65 7.36 -18.29
CA LYS A 342 -4.33 6.88 -17.91
C LYS A 342 -4.33 6.60 -16.41
N LEU A 343 -3.94 5.39 -16.03
CA LEU A 343 -3.93 5.01 -14.62
C LEU A 343 -2.58 5.39 -14.01
N HIS A 344 -2.63 6.12 -12.90
CA HIS A 344 -1.41 6.49 -12.18
C HIS A 344 -1.71 6.58 -10.70
N GLY A 345 -0.96 5.85 -9.91
CA GLY A 345 -1.20 5.77 -8.48
C GLY A 345 -0.02 5.13 -7.80
N TRP A 346 -0.29 4.41 -6.72
CA TRP A 346 0.77 3.93 -5.86
C TRP A 346 0.59 2.44 -5.54
N GLY A 347 1.71 1.82 -5.19
CA GLY A 347 1.74 0.53 -4.53
C GLY A 347 2.03 0.76 -3.08
N GLN A 348 1.11 0.39 -2.21
CA GLN A 348 1.23 0.69 -0.79
C GLN A 348 1.20 -0.61 0.00
N LYS A 349 2.05 -0.65 1.04
CA LYS A 349 2.12 -1.81 1.92
C LYS A 349 0.83 -1.90 2.74
N PRO A 350 0.26 -3.09 2.89
CA PRO A 350 -0.93 -3.23 3.74
C PRO A 350 -0.66 -2.83 5.18
N THR A 351 0.56 -3.06 5.67
CA THR A 351 0.91 -2.60 7.00
C THR A 351 0.70 -1.09 7.12
N ASN A 352 1.01 -0.34 6.05
CA ASN A 352 0.59 1.06 5.93
C ASN A 352 0.97 1.87 7.18
N ALA A 353 2.09 1.51 7.80
CA ALA A 353 2.33 1.92 9.18
C ALA A 353 2.60 3.43 9.29
N TRP A 354 2.22 3.97 10.45
CA TRP A 354 2.33 5.37 10.80
C TRP A 354 3.30 5.49 11.97
N ALA A 355 4.38 6.26 11.81
CA ALA A 355 5.40 6.30 12.86
C ALA A 355 4.76 6.67 14.20
N GLY A 356 5.12 5.93 15.25
CA GLY A 356 4.52 6.10 16.54
C GLY A 356 3.28 5.24 16.78
N LEU A 357 2.62 4.80 15.72
CA LEU A 357 1.41 4.01 15.83
C LEU A 357 1.55 2.60 15.25
N GLY A 358 2.63 2.30 14.53
CA GLY A 358 2.72 1.06 13.78
C GLY A 358 1.63 0.94 12.72
N ALA A 359 1.24 -0.31 12.46
CA ALA A 359 0.24 -0.62 11.44
C ALA A 359 -1.20 -0.38 11.90
N ALA A 360 -1.45 -0.21 13.19
CA ALA A 360 -2.81 -0.09 13.71
C ALA A 360 -3.38 1.32 13.46
N LEU A 361 -3.65 1.63 12.20
CA LEU A 361 -4.22 2.95 11.88
C LEU A 361 -5.72 2.97 12.20
N PRO A 362 -6.21 3.96 12.93
CA PRO A 362 -7.66 4.21 12.92
C PRO A 362 -8.11 4.43 11.48
N ASP A 363 -9.34 4.01 11.18
CA ASP A 363 -9.84 4.13 9.82
C ASP A 363 -9.65 5.54 9.27
N TRP A 364 -9.87 6.58 10.10
CA TRP A 364 -9.77 7.93 9.54
C TRP A 364 -8.34 8.34 9.20
N LEU A 365 -7.33 7.75 9.86
CA LEU A 365 -5.95 7.94 9.39
C LEU A 365 -5.69 7.16 8.09
N ARG A 366 -6.34 6.00 7.90
CA ARG A 366 -6.30 5.35 6.59
C ARG A 366 -6.97 6.23 5.54
N ASP A 367 -8.08 6.87 5.92
CA ASP A 367 -8.73 7.84 5.04
C ASP A 367 -7.84 9.04 4.78
N PHE A 368 -7.14 9.53 5.82
CA PHE A 368 -6.21 10.64 5.65
C PHE A 368 -5.10 10.27 4.66
N THR A 369 -4.52 9.08 4.82
CA THR A 369 -3.54 8.60 3.86
C THR A 369 -4.14 8.56 2.45
N PHE A 370 -5.35 8.02 2.32
CA PHE A 370 -5.99 7.88 1.01
C PHE A 370 -6.35 9.24 0.42
N LYS A 371 -6.83 10.18 1.25
CA LYS A 371 -7.15 11.50 0.70
C LYS A 371 -5.92 12.16 0.12
N LEU A 372 -4.74 11.85 0.66
CA LEU A 372 -3.51 12.40 0.11
C LEU A 372 -3.20 11.80 -1.24
N MET A 373 -3.34 10.47 -1.40
CA MET A 373 -3.18 9.89 -2.72
C MET A 373 -4.16 10.51 -3.70
N ASP A 374 -5.40 10.72 -3.27
CA ASP A 374 -6.41 11.33 -4.12
C ASP A 374 -6.02 12.76 -4.48
N GLU A 375 -5.45 13.50 -3.52
CA GLU A 375 -5.06 14.89 -3.75
C GLU A 375 -4.00 14.98 -4.83
N ALA A 376 -3.06 14.03 -4.85
CA ALA A 376 -1.99 14.06 -5.83
C ALA A 376 -2.36 13.37 -7.13
N GLY A 377 -3.66 13.23 -7.42
CA GLY A 377 -4.11 12.75 -8.72
C GLY A 377 -4.22 11.25 -8.89
N GLY A 378 -4.00 10.48 -7.82
CA GLY A 378 -4.09 9.03 -7.94
C GLY A 378 -5.45 8.60 -8.45
N ASN A 379 -5.45 7.56 -9.30
CA ASN A 379 -6.67 6.88 -9.69
C ASN A 379 -6.43 5.38 -9.77
N PHE A 380 -5.36 4.90 -9.13
CA PHE A 380 -4.97 3.51 -9.18
C PHE A 380 -4.28 3.18 -7.88
N ILE A 381 -4.52 1.98 -7.36
CA ILE A 381 -3.80 1.52 -6.18
C ILE A 381 -3.55 0.02 -6.28
N ARG A 382 -2.36 -0.40 -5.91
CA ARG A 382 -2.02 -1.80 -5.72
C ARG A 382 -1.55 -1.98 -4.29
N TRP A 383 -2.14 -2.94 -3.59
CA TRP A 383 -1.68 -3.24 -2.23
C TRP A 383 -0.56 -4.27 -2.34
N GLY A 384 0.57 -3.97 -1.72
CA GLY A 384 1.76 -4.79 -1.90
C GLY A 384 2.39 -5.29 -0.61
N HIS A 385 2.20 -6.58 -0.31
CA HIS A 385 1.62 -7.53 -1.27
C HIS A 385 0.57 -8.40 -0.62
N CYS A 386 -0.11 -7.86 0.38
CA CYS A 386 -1.29 -8.50 0.93
C CYS A 386 -2.42 -7.48 0.91
N ALA A 387 -3.63 -7.97 1.18
CA ALA A 387 -4.84 -7.19 1.03
C ALA A 387 -4.85 -5.97 1.96
N ALA A 388 -5.57 -4.93 1.50
CA ALA A 388 -5.89 -3.72 2.27
C ALA A 388 -6.94 -4.02 3.34
N SER A 389 -7.17 -3.04 4.23
CA SER A 389 -8.24 -3.23 5.19
C SER A 389 -9.61 -3.03 4.52
N PRO A 390 -10.70 -3.45 5.18
CA PRO A 390 -12.03 -3.22 4.57
C PRO A 390 -12.32 -1.75 4.32
N ALA A 391 -12.03 -0.86 5.26
CA ALA A 391 -12.39 0.54 5.03
C ALA A 391 -11.56 1.11 3.89
N GLU A 392 -10.35 0.58 3.66
CA GLU A 392 -9.51 1.08 2.58
C GLU A 392 -10.05 0.69 1.22
N VAL A 393 -10.76 -0.43 1.12
CA VAL A 393 -11.47 -0.72 -0.13
C VAL A 393 -12.69 0.17 -0.30
N ASP A 394 -13.36 0.52 0.80
CA ASP A 394 -14.41 1.55 0.75
C ASP A 394 -13.85 2.88 0.25
N MET A 395 -12.60 3.20 0.61
CA MET A 395 -12.01 4.46 0.16
C MET A 395 -11.63 4.39 -1.30
N GLY A 396 -11.17 3.24 -1.78
CA GLY A 396 -11.01 3.08 -3.22
C GLY A 396 -12.31 3.34 -3.96
N ASP A 397 -13.44 2.89 -3.38
CA ASP A 397 -14.74 3.04 -4.03
C ASP A 397 -15.14 4.50 -4.16
N LYS A 398 -14.92 5.28 -3.09
CA LYS A 398 -15.46 6.62 -3.03
C LYS A 398 -14.51 7.68 -3.55
N TYR A 399 -13.24 7.35 -3.79
CA TYR A 399 -12.30 8.28 -4.42
C TYR A 399 -11.97 7.92 -5.86
N GLY A 400 -12.59 6.88 -6.42
CA GLY A 400 -12.31 6.50 -7.78
C GLY A 400 -10.90 5.98 -8.03
N PHE A 401 -10.52 4.91 -7.35
CA PHE A 401 -9.21 4.28 -7.54
C PHE A 401 -9.40 2.89 -8.13
N VAL A 402 -8.97 2.70 -9.37
CA VAL A 402 -8.84 1.34 -9.91
C VAL A 402 -7.81 0.59 -9.08
N THR A 403 -8.17 -0.60 -8.65
CA THR A 403 -7.43 -1.31 -7.61
C THR A 403 -6.99 -2.68 -8.10
N LEU A 404 -5.71 -2.97 -7.93
CA LEU A 404 -5.13 -4.29 -8.17
C LEU A 404 -4.98 -4.97 -6.80
N MET A 405 -5.76 -6.04 -6.57
CA MET A 405 -5.90 -6.52 -5.19
C MET A 405 -5.29 -7.90 -5.03
N PRO A 406 -4.31 -8.10 -4.15
CA PRO A 406 -3.83 -9.46 -3.86
C PRO A 406 -4.53 -10.06 -2.65
N GLY A 407 -4.28 -11.35 -2.40
CA GLY A 407 -4.70 -11.94 -1.15
C GLY A 407 -3.57 -11.84 -0.13
N VAL A 408 -2.81 -12.92 0.05
CA VAL A 408 -1.53 -12.86 0.76
C VAL A 408 -0.45 -13.38 -0.17
N SER A 409 0.70 -12.73 -0.15
CA SER A 409 1.84 -13.17 -0.93
C SER A 409 3.10 -12.47 -0.42
N GLY A 410 4.22 -13.14 -0.59
CA GLY A 410 5.53 -12.50 -0.45
C GLY A 410 6.08 -12.19 -1.82
N GLU A 411 6.97 -13.05 -2.33
CA GLU A 411 7.62 -12.88 -3.62
C GLU A 411 8.19 -14.21 -4.07
N SER A 412 7.34 -15.14 -4.50
CA SER A 412 7.78 -16.52 -4.67
C SER A 412 6.67 -17.35 -5.32
N GLU A 413 7.08 -18.34 -6.11
CA GLU A 413 6.20 -19.45 -6.45
C GLU A 413 6.09 -20.34 -5.22
N ASP A 414 4.87 -20.62 -4.78
CA ASP A 414 4.68 -21.33 -3.52
C ASP A 414 4.18 -22.76 -3.75
N GLU A 415 4.31 -23.57 -2.71
CA GLU A 415 3.94 -24.97 -2.79
C GLU A 415 3.57 -25.47 -1.41
N GLY A 416 3.03 -26.69 -1.38
CA GLY A 416 2.71 -27.36 -0.12
C GLY A 416 1.74 -26.58 0.73
N GLU A 417 2.01 -26.57 2.03
CA GLU A 417 1.15 -25.86 2.97
C GLU A 417 1.16 -24.35 2.75
N THR A 418 2.29 -23.78 2.31
CA THR A 418 2.32 -22.35 1.99
C THR A 418 1.27 -22.04 0.94
N TRP A 419 1.17 -22.87 -0.10
CA TRP A 419 0.19 -22.62 -1.13
C TRP A 419 -1.24 -22.84 -0.62
N ASP A 420 -1.46 -23.87 0.20
CA ASP A 420 -2.81 -24.15 0.69
C ASP A 420 -3.34 -22.98 1.52
N ILE A 421 -2.52 -22.45 2.44
CA ILE A 421 -2.99 -21.34 3.26
C ILE A 421 -3.19 -20.10 2.40
N ARG A 422 -2.27 -19.84 1.47
CA ARG A 422 -2.38 -18.67 0.61
C ARG A 422 -3.59 -18.78 -0.32
N TYR A 423 -3.79 -19.96 -0.92
CA TYR A 423 -4.93 -20.17 -1.80
C TYR A 423 -6.24 -20.03 -1.03
N LYS A 424 -6.31 -20.61 0.18
CA LYS A 424 -7.52 -20.43 0.99
C LYS A 424 -7.76 -18.95 1.28
N ALA A 425 -6.71 -18.21 1.63
CA ALA A 425 -6.83 -16.77 1.84
C ALA A 425 -7.39 -16.07 0.61
N PHE A 426 -6.98 -16.52 -0.58
CA PHE A 426 -7.45 -15.95 -1.83
C PHE A 426 -8.96 -16.11 -1.99
N LYS A 427 -9.49 -17.28 -1.65
CA LYS A 427 -10.94 -17.50 -1.64
C LYS A 427 -11.63 -16.59 -0.63
N ASP A 428 -11.13 -16.58 0.62
CA ASP A 428 -11.68 -15.69 1.62
C ASP A 428 -11.70 -14.26 1.10
N LEU A 429 -10.61 -13.86 0.43
CA LEU A 429 -10.50 -12.49 -0.07
C LEU A 429 -11.57 -12.16 -1.12
N ILE A 430 -11.76 -13.04 -2.10
CA ILE A 430 -12.76 -12.80 -3.14
C ILE A 430 -14.15 -12.76 -2.53
N VAL A 431 -14.46 -13.72 -1.64
CA VAL A 431 -15.75 -13.72 -0.97
C VAL A 431 -15.99 -12.40 -0.27
N TYR A 432 -14.95 -11.83 0.33
CA TYR A 432 -15.14 -10.60 1.11
C TYR A 432 -15.29 -9.38 0.22
N TYR A 433 -14.53 -9.30 -0.86
CA TYR A 433 -14.34 -8.04 -1.55
C TYR A 433 -15.00 -7.96 -2.91
N ARG A 434 -15.62 -9.05 -3.38
CA ARG A 434 -16.05 -9.14 -4.78
C ARG A 434 -17.03 -8.05 -5.20
N ASN A 435 -17.73 -7.41 -4.26
CA ASN A 435 -18.77 -6.46 -4.63
C ASN A 435 -18.27 -5.02 -4.77
N HIS A 436 -17.01 -4.74 -4.45
CA HIS A 436 -16.49 -3.37 -4.54
C HIS A 436 -16.18 -3.01 -6.00
N PRO A 437 -16.68 -1.87 -6.51
CA PRO A 437 -16.37 -1.50 -7.88
C PRO A 437 -14.95 -1.01 -8.08
N SER A 438 -14.26 -0.59 -7.02
CA SER A 438 -12.89 -0.11 -7.21
C SER A 438 -11.95 -1.24 -7.61
N ILE A 439 -12.33 -2.50 -7.39
CA ILE A 439 -11.44 -3.62 -7.72
C ILE A 439 -11.65 -4.00 -9.17
N PHE A 440 -10.57 -3.96 -9.96
CA PHE A 440 -10.65 -4.34 -11.36
C PHE A 440 -9.77 -5.54 -11.72
N ILE A 441 -8.75 -5.84 -10.92
CA ILE A 441 -7.85 -6.95 -11.21
C ILE A 441 -7.60 -7.73 -9.94
N TRP A 442 -7.74 -9.05 -10.00
CA TRP A 442 -7.32 -9.94 -8.92
C TRP A 442 -5.85 -10.26 -9.15
N GLU A 443 -4.99 -9.78 -8.26
CA GLU A 443 -3.58 -10.15 -8.33
C GLU A 443 -3.45 -11.60 -7.90
N GLY A 444 -3.04 -12.48 -8.82
CA GLY A 444 -2.85 -13.87 -8.46
C GLY A 444 -1.61 -14.13 -7.65
N GLY A 445 -0.64 -13.20 -7.69
CA GLY A 445 0.59 -13.39 -6.95
C GLY A 445 1.64 -12.37 -7.29
N ASN A 446 2.62 -12.21 -6.39
CA ASN A 446 3.76 -11.33 -6.60
C ASN A 446 4.94 -12.06 -7.23
N TRP A 447 4.67 -13.18 -7.88
CA TRP A 447 5.66 -13.97 -8.60
C TRP A 447 4.89 -14.88 -9.54
N ALA A 448 5.57 -15.38 -10.55
CA ALA A 448 4.97 -16.41 -11.39
C ALA A 448 4.63 -17.63 -10.55
N GLU A 449 3.71 -18.43 -11.07
CA GLU A 449 3.21 -19.60 -10.38
C GLU A 449 3.20 -20.77 -11.34
N SER A 450 2.99 -21.97 -10.78
CA SER A 450 2.87 -23.14 -11.62
C SER A 450 1.57 -23.10 -12.43
N GLU A 451 1.56 -23.89 -13.51
CA GLU A 451 0.37 -24.01 -14.33
C GLU A 451 -0.82 -24.49 -13.49
N ALA A 452 -0.60 -25.50 -12.63
CA ALA A 452 -1.67 -26.00 -11.79
C ALA A 452 -2.21 -24.92 -10.85
N HIS A 453 -1.32 -24.06 -10.32
CA HIS A 453 -1.78 -23.03 -9.42
C HIS A 453 -2.49 -21.89 -10.18
N TYR A 454 -2.09 -21.62 -11.41
CA TYR A 454 -2.87 -20.69 -12.22
C TYR A 454 -4.28 -21.22 -12.44
N LYS A 455 -4.40 -22.52 -12.75
CA LYS A 455 -5.71 -23.14 -12.88
C LYS A 455 -6.54 -22.93 -11.62
N GLU A 456 -5.96 -23.22 -10.45
CA GLU A 456 -6.67 -23.01 -9.20
C GLU A 456 -7.06 -21.54 -9.00
N ILE A 457 -6.20 -20.61 -9.42
CA ILE A 457 -6.55 -19.19 -9.23
C ILE A 457 -7.77 -18.83 -10.06
N LEU A 458 -7.77 -19.23 -11.34
CA LEU A 458 -8.93 -18.97 -12.20
C LEU A 458 -10.17 -19.72 -11.70
N GLU A 459 -9.99 -20.91 -11.13
CA GLU A 459 -11.14 -21.64 -10.61
C GLU A 459 -11.75 -20.94 -9.39
N ALA A 460 -10.90 -20.28 -8.59
CA ALA A 460 -11.43 -19.55 -7.44
C ALA A 460 -12.22 -18.32 -7.89
N ILE A 461 -11.74 -17.64 -8.93
CA ILE A 461 -12.45 -16.49 -9.45
C ILE A 461 -13.75 -16.94 -10.10
N LYS A 462 -13.74 -18.08 -10.78
CA LYS A 462 -14.95 -18.60 -11.40
C LYS A 462 -15.97 -19.02 -10.36
N THR A 463 -15.51 -19.55 -9.21
CA THR A 463 -16.41 -19.98 -8.16
C THR A 463 -17.04 -18.78 -7.44
N PHE A 464 -16.23 -17.82 -7.02
CA PHE A 464 -16.74 -16.78 -6.15
C PHE A 464 -16.94 -15.44 -6.86
N ASP A 465 -16.41 -15.26 -8.07
CA ASP A 465 -16.61 -14.01 -8.82
C ASP A 465 -16.78 -14.31 -10.31
N PRO A 466 -17.74 -15.17 -10.66
CA PRO A 466 -17.90 -15.53 -12.08
C PRO A 466 -18.31 -14.36 -12.97
N LYS A 467 -18.81 -13.25 -12.42
CA LYS A 467 -19.44 -12.25 -13.28
C LYS A 467 -18.85 -10.87 -13.11
N GLY A 468 -17.67 -10.75 -12.52
CA GLY A 468 -17.20 -9.40 -12.29
C GLY A 468 -16.45 -8.79 -13.45
N LYS A 469 -16.10 -9.59 -14.47
CA LYS A 469 -15.28 -9.17 -15.61
C LYS A 469 -13.89 -8.67 -15.20
N ARG A 470 -13.46 -9.00 -13.99
CA ARG A 470 -12.15 -8.59 -13.55
C ARG A 470 -11.08 -9.43 -14.25
N LEU A 471 -9.89 -8.86 -14.36
CA LEU A 471 -8.80 -9.60 -14.93
C LEU A 471 -7.99 -10.26 -13.82
N MET A 472 -6.98 -11.00 -14.24
CA MET A 472 -6.09 -11.69 -13.32
C MET A 472 -4.69 -11.66 -13.89
N GLY A 473 -3.72 -11.39 -13.01
CA GLY A 473 -2.31 -11.47 -13.37
C GLY A 473 -1.45 -11.68 -12.16
N ASN A 474 -0.20 -12.02 -12.41
CA ASN A 474 0.83 -12.10 -11.39
C ASN A 474 1.98 -11.19 -11.81
N ARG A 475 2.58 -10.51 -10.84
CA ARG A 475 3.87 -9.88 -11.13
C ARG A 475 4.90 -10.97 -11.40
N ARG A 476 5.84 -10.65 -12.30
CA ARG A 476 6.92 -11.57 -12.71
C ARG A 476 6.39 -12.90 -13.26
N ALA A 477 5.16 -12.90 -13.77
CA ALA A 477 4.68 -14.03 -14.56
C ALA A 477 5.64 -14.40 -15.69
N ASP A 478 6.40 -13.42 -16.18
CA ASP A 478 7.37 -13.57 -17.26
C ASP A 478 8.55 -14.47 -16.91
N VAL A 479 8.67 -14.99 -15.69
CA VAL A 479 9.80 -15.87 -15.36
C VAL A 479 9.43 -17.34 -15.40
N LYS A 480 8.22 -17.67 -15.82
CA LYS A 480 7.84 -19.06 -16.01
C LYS A 480 7.00 -19.14 -17.27
N ASN A 481 7.30 -20.12 -18.12
CA ASN A 481 6.44 -20.35 -19.28
C ASN A 481 5.04 -20.77 -18.88
N ASP A 482 4.81 -21.18 -17.63
CA ASP A 482 3.48 -21.61 -17.20
C ASP A 482 2.43 -20.52 -17.41
N SER A 483 2.82 -19.25 -17.25
CA SER A 483 1.84 -18.18 -17.17
C SER A 483 1.10 -17.97 -18.48
N GLU A 484 1.76 -18.22 -19.61
CA GLU A 484 1.14 -18.01 -20.92
C GLU A 484 -0.17 -18.78 -21.02
N GLY A 485 -1.21 -18.10 -21.50
CA GLY A 485 -2.52 -18.69 -21.59
C GLY A 485 -3.34 -18.67 -20.33
N TYR A 486 -2.79 -18.22 -19.21
CA TYR A 486 -3.59 -18.17 -18.00
C TYR A 486 -3.77 -16.77 -17.47
N VAL A 487 -2.72 -15.94 -17.47
CA VAL A 487 -2.88 -14.57 -16.98
C VAL A 487 -3.72 -13.80 -17.97
N SER A 488 -4.54 -12.90 -17.45
CA SER A 488 -5.43 -12.09 -18.28
C SER A 488 -4.91 -10.68 -18.53
N ILE A 489 -3.89 -10.28 -17.78
CA ILE A 489 -3.30 -8.96 -17.90
C ILE A 489 -1.84 -9.10 -17.49
N GLU A 490 -0.95 -8.46 -18.24
CA GLU A 490 0.45 -8.44 -17.87
C GLU A 490 0.61 -7.49 -16.70
N ILE A 491 1.19 -7.98 -15.62
CA ILE A 491 1.50 -7.18 -14.45
C ILE A 491 2.99 -6.88 -14.55
N GLY A 492 3.31 -5.68 -15.00
CA GLY A 492 4.69 -5.35 -15.29
C GLY A 492 5.46 -4.89 -14.08
N THR A 493 6.77 -4.85 -14.26
CA THR A 493 7.71 -4.39 -13.24
C THR A 493 8.63 -3.36 -13.87
N GLU A 494 8.69 -2.17 -13.25
CA GLU A 494 9.67 -1.13 -13.59
C GLU A 494 9.59 -0.70 -15.05
N GLY A 495 8.42 -0.85 -15.65
CA GLY A 495 8.22 -0.40 -17.01
C GLY A 495 9.03 -1.12 -18.07
N TRP A 496 9.51 -2.33 -17.78
CA TRP A 496 10.20 -3.13 -18.77
C TRP A 496 9.29 -3.39 -19.98
N GLU A 497 9.93 -3.73 -21.10
CA GLU A 497 9.20 -4.06 -22.33
C GLU A 497 8.13 -5.12 -22.07
N ARG A 498 7.03 -5.03 -22.79
CA ARG A 498 5.94 -5.99 -22.60
C ARG A 498 6.37 -7.38 -23.04
N GLU A 499 6.02 -8.38 -22.25
CA GLU A 499 6.29 -9.75 -22.65
C GLU A 499 5.06 -10.50 -23.14
N TYR A 500 3.86 -9.93 -22.99
CA TYR A 500 2.62 -10.52 -23.49
C TYR A 500 1.88 -9.50 -24.33
N PRO A 501 2.34 -9.23 -25.56
CA PRO A 501 1.70 -8.18 -26.38
C PRO A 501 0.27 -8.49 -26.76
N ASP A 502 -0.16 -9.75 -26.61
CA ASP A 502 -1.57 -10.09 -26.75
C ASP A 502 -2.43 -9.47 -25.66
N LEU A 503 -1.84 -9.10 -24.53
CA LEU A 503 -2.58 -8.68 -23.36
C LEU A 503 -2.38 -7.20 -23.08
N PRO A 504 -3.32 -6.57 -22.36
CA PRO A 504 -3.03 -5.27 -21.75
C PRO A 504 -1.93 -5.44 -20.71
N ILE A 505 -1.34 -4.31 -20.33
CA ILE A 505 -0.26 -4.28 -19.34
C ILE A 505 -0.56 -3.20 -18.32
N ILE A 506 -0.24 -3.48 -17.06
CA ILE A 506 -0.36 -2.52 -15.97
C ILE A 506 0.90 -2.65 -15.11
N GLU A 507 1.46 -1.52 -14.68
CA GLU A 507 2.69 -1.49 -13.89
C GLU A 507 2.38 -1.67 -12.42
N SER A 508 3.11 -2.59 -11.75
CA SER A 508 2.82 -2.92 -10.37
C SER A 508 3.76 -2.26 -9.36
N GLU A 509 4.98 -1.89 -9.75
CA GLU A 509 5.91 -1.29 -8.80
C GLU A 509 7.05 -0.63 -9.59
N TYR A 510 6.92 0.66 -9.83
CA TYR A 510 7.97 1.39 -10.51
C TYR A 510 8.52 2.49 -9.60
N ASN A 511 9.77 2.87 -9.89
CA ASN A 511 10.55 3.88 -9.15
C ASN A 511 10.91 3.39 -7.76
N ARG A 512 12.07 2.78 -7.63
CA ARG A 512 12.54 2.23 -6.37
C ARG A 512 13.34 3.23 -5.51
N GLU A 513 13.55 4.44 -6.02
CA GLU A 513 14.36 5.46 -5.38
C GLU A 513 13.81 5.86 -4.00
N GLU A 514 14.72 6.37 -3.17
CA GLU A 514 14.42 6.88 -1.83
C GLU A 514 15.05 8.26 -1.67
N ALA A 515 14.41 9.10 -0.86
CA ALA A 515 14.97 10.41 -0.49
C ALA A 515 14.22 10.98 0.70
N PRO A 516 14.93 11.44 1.73
CA PRO A 516 14.27 11.95 2.93
C PRO A 516 13.64 13.32 2.73
N ARG A 517 12.56 13.56 3.49
CA ARG A 517 11.83 14.83 3.41
C ARG A 517 12.71 16.03 3.78
N ARG A 518 13.68 15.85 4.68
CA ARG A 518 14.35 16.99 5.32
C ARG A 518 15.42 17.63 4.45
N ILE A 519 15.85 16.99 3.38
CA ILE A 519 16.91 17.53 2.52
C ILE A 519 16.24 18.12 1.28
N TRP A 520 16.36 19.44 1.12
CA TRP A 520 15.73 20.13 -0.01
C TRP A 520 16.51 19.90 -1.30
N ASP A 521 17.77 20.30 -1.32
CA ASP A 521 18.62 20.27 -2.51
C ASP A 521 20.06 20.50 -2.05
N LYS A 522 20.98 20.44 -3.01
CA LYS A 522 22.39 20.67 -2.73
C LYS A 522 22.72 22.15 -2.57
N ASN A 523 21.73 23.05 -2.71
CA ASN A 523 21.92 24.46 -2.40
C ASN A 523 21.39 24.82 -1.02
N SER A 524 21.01 23.82 -0.22
CA SER A 524 20.50 24.06 1.12
C SER A 524 21.43 23.42 2.14
N PRO A 525 21.43 23.91 3.38
CA PRO A 525 22.29 23.29 4.40
C PRO A 525 21.88 21.86 4.68
N ASP A 526 22.89 21.00 4.87
CA ASP A 526 22.63 19.61 5.16
C ASP A 526 21.89 19.45 6.49
N ASP A 527 21.09 18.39 6.58
CA ASP A 527 20.35 18.05 7.80
C ASP A 527 20.56 16.54 7.99
N ASN A 528 21.72 16.19 8.56
CA ASN A 528 22.04 14.80 8.92
C ASN A 528 21.75 13.83 7.77
N PHE A 529 22.38 14.11 6.63
CA PHE A 529 22.19 13.27 5.45
C PHE A 529 23.47 13.16 4.64
N TYR A 530 23.91 14.25 4.00
CA TYR A 530 25.19 14.22 3.29
C TYR A 530 26.34 13.93 4.23
N ASN A 531 26.21 14.29 5.50
CA ASN A 531 27.20 13.96 6.52
C ASN A 531 26.71 12.91 7.50
N HIS A 532 25.62 12.21 7.18
CA HIS A 532 25.18 11.11 8.01
C HIS A 532 26.30 10.06 8.08
N PRO A 533 26.56 9.50 9.26
CA PRO A 533 27.55 8.41 9.36
C PRO A 533 27.33 7.29 8.36
N ASN A 534 26.07 7.06 7.95
CA ASN A 534 25.73 5.94 7.08
C ASN A 534 25.66 6.31 5.59
N ILE A 535 25.96 7.57 5.23
CA ILE A 535 25.63 8.07 3.89
C ILE A 535 26.26 7.21 2.81
N SER A 536 27.45 6.67 3.05
CA SER A 536 28.15 5.90 2.03
C SER A 536 27.57 4.51 1.85
N LYS A 537 26.70 4.06 2.75
CA LYS A 537 25.97 2.81 2.58
C LYS A 537 24.69 2.97 1.79
N ASN A 538 24.26 4.21 1.53
CA ASN A 538 23.01 4.44 0.81
C ASN A 538 23.17 4.08 -0.65
N THR A 539 22.20 3.34 -1.20
CA THR A 539 22.07 3.23 -2.65
C THR A 539 21.65 4.57 -3.26
N TYR A 540 20.78 5.31 -2.58
CA TYR A 540 20.29 6.58 -3.08
C TYR A 540 20.82 7.69 -2.18
N LYS A 541 21.41 8.72 -2.80
CA LYS A 541 21.87 9.91 -2.11
C LYS A 541 21.23 11.13 -2.77
N LEU A 542 19.92 11.10 -2.92
CA LEU A 542 19.14 12.10 -3.64
C LEU A 542 18.51 13.08 -2.64
N SER A 543 18.51 14.36 -3.02
CA SER A 543 17.74 15.35 -2.30
C SER A 543 16.26 15.25 -2.68
N SER A 544 15.42 16.00 -1.96
CA SER A 544 13.99 16.01 -2.31
C SER A 544 13.78 16.50 -3.74
N GLU A 545 14.56 17.50 -4.16
CA GLU A 545 14.44 18.06 -5.52
C GLU A 545 14.74 17.02 -6.58
N GLU A 546 15.87 16.31 -6.44
CA GLU A 546 16.19 15.23 -7.37
C GLU A 546 15.11 14.17 -7.35
N PHE A 547 14.67 13.76 -6.16
CA PHE A 547 13.65 12.74 -6.04
C PHE A 547 12.35 13.19 -6.70
N ALA A 548 12.00 14.47 -6.52
CA ALA A 548 10.77 14.99 -7.13
C ALA A 548 10.91 15.07 -8.65
N VAL A 549 12.00 15.68 -9.13
CA VAL A 549 12.14 15.91 -10.56
C VAL A 549 12.15 14.59 -11.32
N ARG A 550 12.85 13.59 -10.78
CA ARG A 550 12.94 12.28 -11.42
C ARG A 550 11.62 11.52 -11.43
N GLN A 551 10.63 11.92 -10.63
CA GLN A 551 9.31 11.32 -10.73
C GLN A 551 8.79 11.36 -12.16
N ALA A 552 9.16 12.41 -12.92
CA ALA A 552 8.70 12.51 -14.29
C ALA A 552 9.54 11.64 -15.21
N ASP A 553 10.85 11.59 -14.98
CA ASP A 553 11.69 10.63 -15.68
C ASP A 553 11.10 9.23 -15.59
N HIS A 554 10.84 8.77 -14.36
CA HIS A 554 10.36 7.40 -14.17
C HIS A 554 8.98 7.22 -14.79
N TRP A 555 8.06 8.13 -14.50
CA TRP A 555 6.70 7.95 -15.00
C TRP A 555 6.67 8.06 -16.52
N TRP A 556 7.29 9.09 -17.08
CA TRP A 556 7.13 9.33 -18.52
C TRP A 556 7.73 8.19 -19.33
N ASN A 557 8.94 7.76 -18.98
CA ASN A 557 9.63 6.78 -19.82
C ASN A 557 9.13 5.36 -19.62
N LYS A 558 8.56 5.04 -18.47
CA LYS A 558 8.10 3.69 -18.24
C LYS A 558 6.61 3.50 -18.55
N MET A 559 5.79 4.54 -18.40
CA MET A 559 4.37 4.40 -18.69
C MET A 559 3.82 5.55 -19.53
N GLY A 560 4.16 6.78 -19.17
CA GLY A 560 3.44 7.94 -19.67
C GLY A 560 3.48 8.06 -21.20
N LYS A 561 4.65 7.82 -21.80
CA LYS A 561 4.83 7.96 -23.24
C LYS A 561 4.34 6.75 -24.05
N LYS A 562 3.76 5.72 -23.41
CA LYS A 562 3.36 4.49 -24.07
C LYS A 562 1.84 4.41 -24.17
N ALA A 563 1.31 4.66 -25.38
CA ALA A 563 -0.13 4.68 -25.58
C ALA A 563 -0.78 3.32 -25.30
N TYR A 564 -0.05 2.23 -25.49
CA TYR A 564 -0.59 0.92 -25.19
C TYR A 564 -0.59 0.60 -23.70
N HIS A 565 0.10 1.39 -22.87
CA HIS A 565 0.29 1.05 -21.46
C HIS A 565 -0.83 1.67 -20.62
N SER A 566 -1.56 0.82 -19.90
CA SER A 566 -2.65 1.29 -19.05
C SER A 566 -2.16 2.23 -17.94
N GLY A 567 -0.90 2.11 -17.54
CA GLY A 567 -0.35 2.85 -16.41
C GLY A 567 0.05 1.92 -15.29
N GLY A 568 0.11 2.47 -14.09
CA GLY A 568 0.33 1.60 -12.94
C GLY A 568 0.75 2.35 -11.69
N ALA A 569 1.47 1.63 -10.84
CA ALA A 569 1.64 1.99 -9.43
C ALA A 569 3.08 2.43 -9.15
N ASN A 570 3.23 3.69 -8.69
CA ASN A 570 4.48 4.15 -8.12
C ASN A 570 4.76 3.40 -6.82
N TRP A 571 5.96 2.82 -6.70
CA TRP A 571 6.22 1.99 -5.54
C TRP A 571 6.34 2.83 -4.27
N ILE A 572 5.48 2.51 -3.28
CA ILE A 572 5.48 3.10 -1.94
C ILE A 572 4.91 4.51 -1.96
N PHE A 573 3.82 4.72 -1.22
CA PHE A 573 3.29 6.07 -1.05
C PHE A 573 3.82 6.75 0.19
N SER A 574 3.92 6.02 1.31
CA SER A 574 4.43 6.57 2.56
C SER A 574 5.59 5.72 3.07
N ASP A 575 6.68 6.40 3.45
CA ASP A 575 7.82 5.75 4.09
C ASP A 575 7.38 4.72 5.11
N GLY A 576 8.01 3.54 5.08
CA GLY A 576 7.73 2.50 6.03
C GLY A 576 8.93 1.59 6.27
N PRO A 577 8.98 0.88 7.42
CA PRO A 577 10.21 0.16 7.77
C PRO A 577 10.27 -1.24 7.17
N HIS A 578 9.76 -1.37 5.94
CA HIS A 578 10.01 -2.56 5.16
C HIS A 578 11.39 -2.43 4.49
N GLY A 579 11.84 -3.50 3.83
CA GLY A 579 13.20 -3.56 3.33
C GLY A 579 13.55 -2.41 2.42
N GLY A 580 14.66 -1.72 2.68
CA GLY A 580 15.09 -0.59 1.87
C GLY A 580 16.58 -0.63 1.53
N ARG A 581 17.10 0.49 1.01
CA ARG A 581 18.50 0.52 0.54
C ARG A 581 19.26 1.72 1.08
N CYS A 582 18.77 2.36 2.14
CA CYS A 582 19.37 3.58 2.68
C CYS A 582 19.48 3.56 4.20
N PRO A 583 20.61 3.08 4.73
CA PRO A 583 20.77 3.04 6.20
C PRO A 583 20.92 4.41 6.85
N THR A 584 20.79 5.53 6.12
CA THR A 584 20.63 6.83 6.78
C THR A 584 19.24 7.02 7.37
N GLU A 585 18.25 6.21 6.97
CA GLU A 585 16.86 6.37 7.38
C GLU A 585 16.37 5.15 8.14
N VAL A 586 15.38 5.38 9.00
CA VAL A 586 14.72 4.31 9.77
C VAL A 586 13.57 3.72 8.95
N THR A 587 13.45 4.09 7.68
CA THR A 587 12.45 3.50 6.79
C THR A 587 13.06 3.34 5.41
N ARG A 588 12.33 2.62 4.57
CA ARG A 588 12.54 2.72 3.14
C ARG A 588 11.90 4.03 2.71
N ALA A 589 12.73 5.03 2.37
CA ALA A 589 12.22 6.39 2.15
C ALA A 589 11.70 6.61 0.74
N SER A 590 10.95 5.64 0.21
CA SER A 590 10.48 5.64 -1.16
C SER A 590 9.13 6.31 -1.33
N GLY A 591 8.44 6.65 -0.25
CA GLY A 591 7.19 7.34 -0.37
C GLY A 591 7.37 8.76 -0.88
N GLU A 592 6.28 9.31 -1.38
CA GLU A 592 6.22 10.73 -1.68
C GLU A 592 5.64 11.52 -0.51
N VAL A 593 5.21 10.85 0.55
CA VAL A 593 5.02 11.44 1.87
C VAL A 593 5.80 10.58 2.85
N ASP A 594 6.10 11.15 4.01
CA ASP A 594 6.89 10.41 4.98
C ASP A 594 5.96 9.60 5.88
N ALA A 595 6.53 8.91 6.88
CA ALA A 595 5.79 7.96 7.69
C ALA A 595 4.73 8.61 8.57
N VAL A 596 4.71 9.95 8.66
CA VAL A 596 3.65 10.66 9.35
C VAL A 596 2.83 11.50 8.36
N ARG A 597 2.95 11.17 7.07
CA ARG A 597 2.13 11.73 5.98
C ARG A 597 2.43 13.22 5.71
N LEU A 598 3.59 13.70 6.16
CA LEU A 598 4.07 14.99 5.70
C LEU A 598 4.57 14.86 4.26
N PRO A 599 4.11 15.71 3.34
CA PRO A 599 4.44 15.46 1.93
C PRO A 599 5.84 15.91 1.59
N LYS A 600 6.49 15.14 0.72
CA LYS A 600 7.75 15.54 0.12
C LYS A 600 7.48 16.36 -1.14
N GLU A 601 8.52 17.06 -1.61
CA GLU A 601 8.38 17.74 -2.90
C GLU A 601 7.91 16.79 -3.99
N ALA A 602 8.34 15.53 -3.93
CA ALA A 602 7.91 14.55 -4.92
C ALA A 602 6.41 14.32 -4.91
N PHE A 603 5.73 14.59 -3.79
CA PHE A 603 4.27 14.53 -3.74
C PHE A 603 3.65 15.61 -4.62
N TYR A 604 4.21 16.82 -4.57
CA TYR A 604 3.72 17.91 -5.38
C TYR A 604 4.17 17.79 -6.84
N ALA A 605 5.28 17.10 -7.09
CA ALA A 605 5.65 16.80 -8.47
C ALA A 605 4.59 15.90 -9.11
N LEU A 606 4.31 14.76 -8.48
CA LEU A 606 3.30 13.87 -9.02
C LEU A 606 1.94 14.56 -9.12
N LYS A 607 1.60 15.38 -8.11
CA LYS A 607 0.34 16.11 -8.14
C LYS A 607 0.27 17.03 -9.34
N ALA A 608 1.37 17.68 -9.69
CA ALA A 608 1.35 18.58 -10.83
C ALA A 608 1.29 17.82 -12.15
N MET A 609 1.80 16.59 -12.17
CA MET A 609 1.77 15.78 -13.39
C MET A 609 0.42 15.09 -13.62
N TRP A 610 -0.22 14.63 -12.55
CA TRP A 610 -1.27 13.63 -12.62
C TRP A 610 -2.66 14.20 -12.44
N ARG A 611 -2.82 15.31 -11.73
CA ARG A 611 -4.14 15.89 -11.56
C ARG A 611 -4.67 16.35 -12.93
N PRO A 612 -5.98 16.29 -13.15
CA PRO A 612 -6.51 16.65 -14.48
C PRO A 612 -6.58 18.14 -14.72
N GLU A 613 -6.78 18.96 -13.69
CA GLU A 613 -6.78 20.40 -13.87
C GLU A 613 -5.34 20.90 -14.12
N PRO A 614 -5.19 22.04 -14.79
CA PRO A 614 -3.85 22.61 -14.99
C PRO A 614 -3.12 22.86 -13.67
N GLN A 615 -1.86 22.45 -13.61
CA GLN A 615 -1.04 22.60 -12.42
C GLN A 615 0.35 23.12 -12.76
N VAL A 616 0.93 23.87 -11.82
CA VAL A 616 2.37 24.11 -11.79
C VAL A 616 2.83 23.92 -10.35
N HIS A 617 4.04 23.41 -10.19
CA HIS A 617 4.66 23.37 -8.86
C HIS A 617 6.14 23.70 -8.99
N ILE A 618 6.55 24.75 -8.30
CA ILE A 618 7.95 25.11 -8.14
C ILE A 618 8.58 24.20 -7.09
N VAL A 619 9.63 23.47 -7.48
CA VAL A 619 10.27 22.49 -6.60
C VAL A 619 11.20 23.21 -5.62
N GLY A 620 11.02 22.94 -4.33
CA GLY A 620 11.88 23.49 -3.30
C GLY A 620 11.32 24.70 -2.56
N HIS A 621 12.15 25.69 -2.28
CA HIS A 621 11.78 26.88 -1.53
C HIS A 621 12.48 28.07 -2.15
N TRP A 622 12.56 29.17 -1.40
CA TRP A 622 13.17 30.40 -1.92
C TRP A 622 14.01 31.08 -0.85
N ASN A 623 14.69 30.28 -0.01
CA ASN A 623 15.58 30.76 1.04
C ASN A 623 16.99 30.27 0.71
N TYR A 624 17.65 30.96 -0.23
CA TYR A 624 19.03 30.65 -0.58
C TYR A 624 19.92 31.84 -0.24
N GLU A 625 21.23 31.64 -0.34
CA GLU A 625 22.21 32.66 -0.03
C GLU A 625 22.27 33.70 -1.14
N VAL A 626 22.66 34.92 -0.78
CA VAL A 626 22.82 35.98 -1.76
C VAL A 626 23.82 35.54 -2.81
N GLY A 627 23.51 35.80 -4.08
CA GLY A 627 24.38 35.41 -5.17
C GLY A 627 24.23 33.97 -5.64
N THR A 628 23.38 33.18 -5.00
CA THR A 628 23.13 31.81 -5.44
C THR A 628 22.62 31.78 -6.88
N LYS A 629 23.12 30.83 -7.67
CA LYS A 629 22.58 30.52 -8.98
C LYS A 629 22.30 29.03 -9.02
N LYS A 630 21.06 28.68 -9.38
CA LYS A 630 20.72 27.26 -9.45
C LYS A 630 19.68 27.07 -10.53
N THR A 631 19.61 25.83 -11.00
CA THR A 631 18.52 25.42 -11.89
C THR A 631 17.24 25.33 -11.09
N MET A 632 16.17 25.94 -11.61
CA MET A 632 14.84 25.86 -11.01
C MET A 632 13.98 24.92 -11.83
N TYR A 633 13.25 24.05 -11.15
CA TYR A 633 12.40 23.06 -11.79
C TYR A 633 10.94 23.41 -11.50
N VAL A 634 10.15 23.55 -12.55
CA VAL A 634 8.68 23.65 -12.44
C VAL A 634 8.11 22.35 -13.00
N MET A 635 7.36 21.61 -12.18
CA MET A 635 6.61 20.45 -12.65
C MET A 635 5.23 20.93 -13.07
N SER A 636 4.80 20.58 -14.27
CA SER A 636 3.52 21.09 -14.76
C SER A 636 2.92 20.20 -15.83
N ASN A 637 1.59 20.07 -15.82
CA ASN A 637 0.82 19.44 -16.87
C ASN A 637 0.35 20.43 -17.94
N CYS A 638 0.88 21.65 -17.90
CA CYS A 638 0.60 22.68 -18.89
C CYS A 638 1.54 22.52 -20.08
N ALA A 639 1.34 23.34 -21.10
CA ALA A 639 2.15 23.26 -22.30
C ALA A 639 3.39 24.12 -22.23
N SER A 640 3.32 25.24 -21.51
CA SER A 640 4.45 26.12 -21.39
C SER A 640 4.37 26.83 -20.04
N VAL A 641 5.54 27.20 -19.54
CA VAL A 641 5.67 27.75 -18.21
C VAL A 641 6.53 29.00 -18.30
N LYS A 642 6.13 30.06 -17.59
CA LYS A 642 6.91 31.27 -17.44
C LYS A 642 7.38 31.39 -16.00
N LEU A 643 8.62 31.87 -15.80
CA LEU A 643 9.22 31.97 -14.48
C LEU A 643 9.58 33.41 -14.17
N TYR A 644 9.21 33.87 -12.98
CA TYR A 644 9.44 35.25 -12.58
C TYR A 644 10.14 35.30 -11.23
N VAL A 645 11.12 36.18 -11.11
CA VAL A 645 11.78 36.49 -9.84
C VAL A 645 11.46 37.94 -9.52
N ASN A 646 10.69 38.15 -8.44
CA ASN A 646 10.18 39.47 -8.06
C ASN A 646 9.56 40.19 -9.24
N ASP A 647 8.75 39.45 -10.01
CA ASP A 647 7.99 39.92 -11.16
C ASP A 647 8.85 40.20 -12.40
N LYS A 648 10.14 39.91 -12.35
CA LYS A 648 10.99 40.02 -13.53
C LYS A 648 10.97 38.67 -14.24
N LEU A 649 10.51 38.66 -15.49
CA LEU A 649 10.48 37.40 -16.24
C LEU A 649 11.91 36.90 -16.48
N VAL A 650 12.21 35.70 -15.98
CA VAL A 650 13.53 35.10 -16.19
C VAL A 650 13.53 33.99 -17.22
N GLY A 651 12.37 33.54 -17.68
CA GLY A 651 12.38 32.58 -18.77
C GLY A 651 11.04 32.04 -19.18
N THR A 652 10.97 31.55 -20.40
CA THR A 652 9.81 30.86 -20.94
C THR A 652 10.27 29.53 -21.51
N ASN A 653 9.57 28.46 -21.15
CA ASN A 653 9.91 27.11 -21.58
C ASN A 653 8.67 26.47 -22.18
N SER A 654 8.76 26.08 -23.45
CA SER A 654 7.71 25.35 -24.14
C SER A 654 8.14 23.96 -24.56
N ASN A 655 9.24 23.45 -23.98
CA ASN A 655 9.84 22.19 -24.36
C ASN A 655 10.14 21.42 -23.08
N PRO A 656 9.11 20.92 -22.41
CA PRO A 656 9.33 20.24 -21.14
C PRO A 656 10.06 18.93 -21.37
N GLU A 657 10.91 18.59 -20.40
CA GLU A 657 11.60 17.32 -20.40
C GLU A 657 10.67 16.27 -19.79
N ASN A 658 10.67 15.06 -20.37
CA ASN A 658 9.88 13.95 -19.84
C ASN A 658 8.44 14.38 -19.54
N GLY A 659 7.87 15.19 -20.44
CA GLY A 659 6.48 15.54 -20.37
C GLY A 659 6.10 16.61 -19.37
N TYR A 660 6.81 16.72 -18.26
CA TYR A 660 6.32 17.57 -17.18
C TYR A 660 7.36 18.45 -16.54
N VAL A 661 8.63 18.33 -16.89
CA VAL A 661 9.70 19.08 -16.24
C VAL A 661 10.01 20.30 -17.11
N PHE A 662 9.64 21.47 -16.61
CA PHE A 662 10.04 22.76 -17.18
C PHE A 662 11.18 23.31 -16.32
N LYS A 663 12.41 23.15 -16.77
CA LYS A 663 13.53 23.60 -15.97
C LYS A 663 14.08 24.91 -16.52
N PHE A 664 14.67 25.68 -15.61
CA PHE A 664 15.24 26.99 -15.93
C PHE A 664 16.63 27.03 -15.29
N ASP A 665 17.64 27.07 -16.14
CA ASP A 665 19.01 26.97 -15.66
C ASP A 665 19.51 28.31 -15.17
N ASN A 666 20.44 28.26 -14.23
CA ASN A 666 21.24 29.41 -13.82
C ASN A 666 20.36 30.59 -13.43
N VAL A 667 19.33 30.31 -12.66
CA VAL A 667 18.45 31.37 -12.15
C VAL A 667 19.16 32.05 -10.99
N ALA A 668 19.25 33.38 -11.04
CA ALA A 668 19.89 34.11 -9.96
C ALA A 668 18.87 34.31 -8.84
N TRP A 669 19.21 33.86 -7.64
CA TRP A 669 18.32 34.06 -6.51
C TRP A 669 18.27 35.53 -6.12
N GLU A 670 17.08 35.99 -5.76
CA GLU A 670 16.87 37.30 -5.17
C GLU A 670 15.85 37.15 -4.05
N SER A 671 16.16 37.70 -2.88
CA SER A 671 15.20 37.68 -1.78
C SER A 671 13.87 38.27 -2.24
N GLY A 672 12.78 37.61 -1.86
CA GLY A 672 11.46 38.03 -2.32
C GLY A 672 10.52 36.92 -2.71
N LYS A 673 10.18 36.84 -4.01
CA LYS A 673 9.13 35.95 -4.49
C LYS A 673 9.52 35.34 -5.84
N ILE A 674 9.25 34.05 -5.98
CA ILE A 674 9.44 33.30 -7.22
C ILE A 674 8.07 32.82 -7.67
N LYS A 675 7.73 33.08 -8.93
CA LYS A 675 6.40 32.76 -9.44
C LYS A 675 6.51 32.06 -10.78
N ALA A 676 5.85 30.92 -10.91
CA ALA A 676 5.70 30.21 -12.17
C ALA A 676 4.27 30.36 -12.69
N GLU A 677 4.13 30.53 -14.00
CA GLU A 677 2.82 30.60 -14.64
C GLU A 677 2.68 29.45 -15.63
N GLY A 678 1.51 28.82 -15.62
CA GLY A 678 1.24 27.67 -16.47
C GLY A 678 0.24 28.05 -17.58
N PHE A 679 0.60 27.67 -18.80
CA PHE A 679 -0.13 28.06 -20.00
C PHE A 679 -0.55 26.84 -20.81
N ILE A 680 -1.77 26.86 -21.32
CA ILE A 680 -2.25 25.89 -22.32
C ILE A 680 -2.79 26.70 -23.49
N ASP A 681 -2.27 26.44 -24.68
CA ASP A 681 -2.63 27.22 -25.86
C ASP A 681 -2.38 28.70 -25.62
N ASP A 682 -1.24 29.00 -24.97
CA ASP A 682 -0.81 30.38 -24.71
C ASP A 682 -1.85 31.16 -23.90
N ALA A 683 -2.66 30.47 -23.10
CA ALA A 683 -3.64 31.10 -22.23
C ALA A 683 -3.33 30.74 -20.78
N LEU A 684 -3.35 31.74 -19.91
CA LEU A 684 -2.96 31.54 -18.52
C LEU A 684 -3.97 30.64 -17.82
N LYS A 685 -3.49 29.50 -17.30
CA LYS A 685 -4.34 28.51 -16.63
C LYS A 685 -4.12 28.44 -15.12
N THR A 686 -2.89 28.61 -14.64
CA THR A 686 -2.61 28.43 -13.21
C THR A 686 -1.28 29.11 -12.87
N THR A 687 -1.11 29.41 -11.58
CA THR A 687 0.00 30.20 -11.08
C THR A 687 0.35 29.73 -9.69
N GLN A 688 1.65 29.63 -9.40
CA GLN A 688 2.13 29.38 -8.05
C GLN A 688 3.22 30.37 -7.71
N THR A 689 3.23 30.83 -6.46
CA THR A 689 4.25 31.74 -5.97
C THR A 689 4.81 31.19 -4.66
N LYS A 690 6.14 31.15 -4.54
CA LYS A 690 6.78 30.80 -3.29
C LYS A 690 7.60 31.99 -2.81
N GLU A 691 7.67 32.18 -1.50
CA GLU A 691 8.26 33.37 -0.92
C GLU A 691 9.45 33.03 -0.06
N THR A 692 10.45 33.92 -0.08
CA THR A 692 11.48 33.90 0.94
C THR A 692 10.83 34.13 2.29
N THR A 693 11.14 33.24 3.23
CA THR A 693 10.66 33.41 4.58
C THR A 693 11.58 34.37 5.34
N GLY A 694 11.04 34.98 6.39
CA GLY A 694 11.84 35.78 7.29
C GLY A 694 12.52 34.91 8.34
N GLU A 695 13.25 35.57 9.23
CA GLU A 695 13.91 34.89 10.33
C GLU A 695 12.88 34.15 11.19
N PRO A 696 13.26 33.03 11.79
CA PRO A 696 12.36 32.35 12.71
C PRO A 696 11.94 33.26 13.86
N ALA A 697 10.67 33.13 14.26
CA ALA A 697 10.11 33.99 15.30
C ALA A 697 9.15 33.29 16.25
N ALA A 698 8.48 32.21 15.86
CA ALA A 698 7.57 31.57 16.79
C ALA A 698 7.38 30.10 16.43
N LEU A 699 6.92 29.34 17.43
CA LEU A 699 6.40 28.01 17.23
C LEU A 699 4.92 28.11 16.90
N LYS A 700 4.46 27.20 16.04
CA LYS A 700 3.05 27.15 15.67
C LYS A 700 2.54 25.73 15.80
N LEU A 701 1.46 25.56 16.55
CA LEU A 701 0.87 24.24 16.77
C LEU A 701 -0.50 24.20 16.13
N THR A 702 -0.72 23.22 15.25
CA THR A 702 -2.00 23.03 14.59
C THR A 702 -2.47 21.60 14.78
N SER A 703 -3.71 21.45 15.22
CA SER A 703 -4.29 20.15 15.46
C SER A 703 -5.12 19.70 14.27
N ILE A 704 -5.13 18.38 14.06
CA ILE A 704 -5.92 17.70 13.04
C ILE A 704 -6.61 16.53 13.71
N THR A 705 -7.93 16.48 13.64
CA THR A 705 -8.71 15.38 14.18
C THR A 705 -9.58 14.80 13.06
N GLY A 706 -10.26 13.70 13.39
CA GLY A 706 -11.17 13.07 12.45
C GLY A 706 -12.41 13.92 12.22
N PRO A 707 -13.16 13.61 11.18
CA PRO A 707 -14.34 14.44 10.85
C PRO A 707 -15.39 14.50 11.95
N GLU A 708 -15.44 13.54 12.86
CA GLU A 708 -16.35 13.61 14.00
C GLU A 708 -15.72 14.25 15.23
N GLY A 709 -14.49 14.72 15.14
CA GLY A 709 -13.75 15.16 16.31
C GLY A 709 -12.88 14.05 16.87
N TRP A 710 -12.21 14.38 17.97
CA TRP A 710 -11.33 13.44 18.66
C TRP A 710 -12.17 12.67 19.69
N LEU A 711 -12.32 11.37 19.48
CA LEU A 711 -13.25 10.56 20.25
C LEU A 711 -12.53 9.82 21.37
N ALA A 712 -13.15 9.84 22.54
CA ALA A 712 -12.62 9.16 23.72
C ALA A 712 -13.00 7.69 23.69
N ASP A 713 -12.37 6.96 22.77
CA ASP A 713 -12.63 5.53 22.62
C ASP A 713 -11.42 4.67 22.98
N GLY A 714 -10.31 5.28 23.40
CA GLY A 714 -9.10 4.56 23.72
C GLY A 714 -8.17 4.31 22.55
N SER A 715 -8.58 4.61 21.32
CA SER A 715 -7.68 4.41 20.19
C SER A 715 -7.67 5.53 19.18
N ASP A 716 -8.69 6.38 19.13
CA ASP A 716 -8.69 7.49 18.18
C ASP A 716 -7.47 8.40 18.38
N VAL A 717 -6.99 8.98 17.29
CA VAL A 717 -5.76 9.77 17.28
C VAL A 717 -6.07 11.21 16.89
N ALA A 718 -5.44 12.15 17.58
CA ALA A 718 -5.36 13.54 17.14
C ALA A 718 -3.92 13.81 16.70
N LEU A 719 -3.78 14.41 15.53
CA LEU A 719 -2.47 14.81 15.03
C LEU A 719 -2.18 16.26 15.41
N ILE A 720 -0.90 16.58 15.55
CA ILE A 720 -0.48 17.95 15.87
C ILE A 720 0.74 18.29 15.02
N ASP A 721 0.59 19.30 14.16
CA ASP A 721 1.72 19.83 13.40
C ASP A 721 2.42 20.90 14.23
N VAL A 722 3.70 20.68 14.51
CA VAL A 722 4.54 21.66 15.18
C VAL A 722 5.45 22.25 14.12
N GLU A 723 5.41 23.59 14.01
CA GLU A 723 6.08 24.32 12.96
C GLU A 723 6.90 25.45 13.56
N VAL A 724 7.93 25.85 12.83
CA VAL A 724 8.66 27.08 13.13
C VAL A 724 8.30 28.11 12.06
N VAL A 725 7.81 29.26 12.48
CA VAL A 725 7.31 30.27 11.56
C VAL A 725 8.06 31.58 11.78
N ASP A 726 8.07 32.41 10.73
CA ASP A 726 8.60 33.76 10.79
C ASP A 726 7.53 34.70 11.34
N ALA A 727 7.85 36.00 11.41
CA ALA A 727 6.91 36.99 11.93
C ALA A 727 5.64 37.09 11.11
N GLN A 728 5.66 36.61 9.87
CA GLN A 728 4.50 36.62 9.00
C GLN A 728 3.71 35.32 9.08
N GLY A 729 4.13 34.36 9.90
CA GLY A 729 3.40 33.11 10.00
C GLY A 729 3.72 32.10 8.92
N ARG A 730 4.73 32.34 8.10
CA ARG A 730 5.13 31.34 7.11
C ARG A 730 6.10 30.35 7.72
N ARG A 731 5.97 29.08 7.34
CA ARG A 731 6.89 28.06 7.79
C ARG A 731 8.30 28.30 7.27
N CYS A 732 9.28 28.28 8.16
CA CYS A 732 10.68 28.43 7.75
C CYS A 732 11.17 27.13 7.13
N PRO A 733 11.53 27.10 5.85
CA PRO A 733 11.94 25.83 5.24
C PRO A 733 13.27 25.31 5.73
N LEU A 734 14.10 26.12 6.39
CA LEU A 734 15.38 25.63 6.84
C LEU A 734 15.41 25.34 8.34
N ALA A 735 14.31 25.60 9.04
CA ALA A 735 14.32 25.42 10.49
C ALA A 735 14.49 23.96 10.85
N LYS A 736 15.25 23.73 11.93
CA LYS A 736 15.43 22.39 12.48
C LYS A 736 15.66 22.54 13.97
N GLY A 737 16.03 21.44 14.61
CA GLY A 737 16.33 21.46 16.03
C GLY A 737 15.23 20.85 16.86
N ARG A 738 15.57 20.60 18.11
CA ARG A 738 14.75 19.81 19.00
C ARG A 738 13.66 20.67 19.63
N VAL A 739 12.43 20.16 19.62
CA VAL A 739 11.32 20.74 20.35
C VAL A 739 10.96 19.78 21.47
N ASP A 740 10.71 20.31 22.66
CA ASP A 740 10.29 19.51 23.81
C ASP A 740 8.82 19.73 24.09
N PHE A 741 8.15 18.68 24.53
CA PHE A 741 6.70 18.71 24.72
C PHE A 741 6.31 18.32 26.13
N THR A 742 5.19 18.87 26.59
CA THR A 742 4.52 18.41 27.80
C THR A 742 3.05 18.19 27.49
N ILE A 743 2.46 17.17 28.11
CA ILE A 743 1.06 16.82 27.90
C ILE A 743 0.35 16.67 29.25
N SER A 744 -0.91 17.08 29.29
CA SER A 744 -1.75 16.86 30.46
C SER A 744 -3.17 16.55 30.02
N GLY A 745 -3.87 15.82 30.88
CA GLY A 745 -5.24 15.44 30.62
C GLY A 745 -5.34 13.97 30.25
N PRO A 746 -6.56 13.46 30.09
CA PRO A 746 -6.73 12.04 29.74
C PRO A 746 -6.32 11.74 28.30
N ALA A 747 -5.07 11.32 28.12
CA ALA A 747 -4.55 11.04 26.78
C ALA A 747 -3.24 10.26 26.91
N ILE A 748 -2.79 9.71 25.78
CA ILE A 748 -1.55 8.95 25.70
C ILE A 748 -0.67 9.54 24.60
N TRP A 749 0.47 10.09 24.99
CA TRP A 749 1.39 10.67 24.03
C TRP A 749 2.03 9.58 23.18
N ARG A 750 2.06 9.78 21.87
CA ARG A 750 2.68 8.80 20.97
C ARG A 750 3.76 9.39 20.09
N GLY A 751 4.08 10.67 20.24
CA GLY A 751 5.24 11.30 19.63
C GLY A 751 5.18 11.25 18.12
N GLY A 752 6.38 11.30 17.52
CA GLY A 752 6.54 11.13 16.07
C GLY A 752 7.87 10.46 15.81
N TYR A 753 8.52 10.86 14.72
CA TYR A 753 9.86 10.34 14.45
C TYR A 753 10.68 11.36 13.68
N ASN A 754 11.99 11.10 13.66
CA ASN A 754 12.94 11.76 12.77
C ASN A 754 13.57 10.68 11.91
N SER A 755 13.31 10.73 10.61
CA SER A 755 13.72 9.65 9.72
C SER A 755 15.22 9.33 9.84
N GLY A 756 16.05 10.33 10.04
CA GLY A 756 17.49 10.09 10.06
C GLY A 756 18.10 9.69 11.39
N LYS A 757 17.30 9.46 12.41
CA LYS A 757 17.82 9.21 13.75
C LYS A 757 17.20 7.97 14.34
N PRO A 758 17.99 7.09 14.94
CA PRO A 758 17.42 5.99 15.72
C PRO A 758 16.79 6.51 17.00
N ASN A 759 15.88 5.70 17.55
CA ASN A 759 15.28 5.95 18.89
C ASN A 759 14.67 7.34 18.99
N SER A 760 14.04 7.82 17.92
CA SER A 760 13.36 9.10 17.95
C SER A 760 11.87 8.98 18.29
N THR A 761 11.34 7.76 18.38
CA THR A 761 9.92 7.57 18.65
C THR A 761 9.65 7.64 20.15
N ASN A 762 8.38 7.70 20.52
CA ASN A 762 7.95 7.73 21.93
C ASN A 762 8.33 8.98 22.72
N ASN A 763 9.55 9.48 22.53
CA ASN A 763 10.05 10.59 23.36
C ASN A 763 9.11 11.80 23.35
N LEU A 764 9.09 12.51 24.48
CA LEU A 764 8.39 13.78 24.60
C LEU A 764 9.25 14.90 24.05
N PHE A 765 9.98 14.61 22.97
CA PHE A 765 10.76 15.61 22.24
C PHE A 765 11.02 15.08 20.86
N LEU A 766 11.28 16.01 19.94
CA LEU A 766 11.39 15.66 18.54
C LEU A 766 12.06 16.82 17.80
N ASP A 767 12.79 16.49 16.73
CA ASP A 767 13.42 17.50 15.89
C ASP A 767 12.46 17.98 14.82
N ILE A 768 12.46 19.30 14.62
CA ILE A 768 11.86 19.93 13.45
C ILE A 768 12.66 19.56 12.21
N GLU A 769 11.96 19.29 11.10
CA GLU A 769 12.62 19.03 9.83
C GLU A 769 12.01 19.92 8.77
N ALA A 770 12.85 20.73 8.12
CA ALA A 770 12.38 21.70 7.14
C ALA A 770 11.19 22.50 7.65
N GLY A 771 11.22 22.87 8.93
CA GLY A 771 10.21 23.73 9.51
C GLY A 771 9.01 23.05 10.15
N ILE A 772 8.93 21.73 10.15
CA ILE A 772 7.71 21.06 10.58
C ILE A 772 8.01 19.63 11.01
N ASN A 773 7.23 19.15 11.97
CA ASN A 773 7.06 17.72 12.19
C ASN A 773 5.69 17.51 12.81
N ARG A 774 5.30 16.24 12.91
CA ARG A 774 3.95 15.87 13.28
C ARG A 774 3.98 14.78 14.33
N VAL A 775 3.23 14.97 15.40
CA VAL A 775 3.12 13.99 16.48
C VAL A 775 1.65 13.56 16.58
N ALA A 776 1.46 12.41 17.23
CA ALA A 776 0.12 11.84 17.41
C ALA A 776 -0.18 11.71 18.90
N VAL A 777 -1.43 11.97 19.27
CA VAL A 777 -1.90 11.80 20.63
C VAL A 777 -3.11 10.87 20.59
N ARG A 778 -3.09 9.83 21.41
CA ARG A 778 -4.14 8.82 21.42
C ARG A 778 -5.04 9.07 22.62
N SER A 779 -6.33 8.81 22.44
CA SER A 779 -7.26 9.05 23.53
C SER A 779 -7.27 7.89 24.52
N VAL A 780 -7.98 8.09 25.61
CA VAL A 780 -8.32 7.00 26.52
C VAL A 780 -9.83 6.95 26.64
N LEU A 781 -10.34 6.03 27.45
CA LEU A 781 -11.77 5.88 27.64
C LEU A 781 -12.39 7.08 28.33
N GLU A 782 -11.61 7.85 29.08
CA GLU A 782 -12.14 9.00 29.78
C GLU A 782 -12.08 10.20 28.84
N SER A 783 -13.22 10.82 28.61
CA SER A 783 -13.26 12.04 27.83
C SER A 783 -12.84 13.22 28.69
N GLY A 784 -12.21 14.21 28.07
CA GLY A 784 -11.83 15.39 28.80
C GLY A 784 -10.96 16.31 27.96
N THR A 785 -10.36 17.26 28.65
CA THR A 785 -9.58 18.31 28.02
C THR A 785 -8.10 17.96 28.14
N VAL A 786 -7.36 18.12 27.05
CA VAL A 786 -5.97 17.69 26.97
C VAL A 786 -5.16 18.85 26.41
N THR A 787 -4.05 19.16 27.06
CA THR A 787 -3.23 20.31 26.68
C THR A 787 -1.83 19.83 26.34
N ILE A 788 -1.34 20.22 25.16
CA ILE A 788 0.02 19.94 24.73
C ILE A 788 0.76 21.26 24.59
N MET A 789 1.88 21.37 25.27
CA MET A 789 2.76 22.54 25.18
C MET A 789 4.05 22.18 24.46
N ALA A 790 4.49 23.08 23.57
CA ALA A 790 5.74 22.92 22.86
C ALA A 790 6.70 24.02 23.27
N LYS A 791 7.98 23.66 23.40
CA LYS A 791 9.04 24.56 23.83
C LYS A 791 10.26 24.35 22.95
N LYS A 792 10.98 25.44 22.69
CA LYS A 792 12.19 25.42 21.89
C LYS A 792 13.01 26.64 22.31
N PRO A 793 14.28 26.44 22.66
CA PRO A 793 15.11 27.56 23.14
C PRO A 793 15.07 28.71 22.15
N GLY A 794 14.74 29.90 22.64
CA GLY A 794 14.68 31.08 21.82
C GLY A 794 13.28 31.48 21.41
N PHE A 795 12.29 30.63 21.69
CA PHE A 795 10.92 30.86 21.30
C PHE A 795 10.04 30.92 22.52
N LYS A 796 8.96 31.70 22.43
CA LYS A 796 7.92 31.63 23.44
C LYS A 796 7.28 30.25 23.44
N ASP A 797 6.89 29.80 24.63
CA ASP A 797 6.12 28.57 24.75
C ASP A 797 4.78 28.73 24.06
N VAL A 798 4.29 27.65 23.45
CA VAL A 798 2.99 27.64 22.80
C VAL A 798 2.27 26.37 23.17
N SER A 799 0.95 26.39 23.05
CA SER A 799 0.15 25.23 23.41
C SER A 799 -1.09 25.12 22.54
N VAL A 800 -1.59 23.89 22.42
CA VAL A 800 -2.92 23.60 21.88
C VAL A 800 -3.72 22.86 22.94
N THR A 801 -5.02 23.10 22.93
CA THR A 801 -5.93 22.41 23.84
C THR A 801 -6.87 21.55 22.99
N LEU A 802 -6.92 20.27 23.29
CA LEU A 802 -7.82 19.33 22.63
C LEU A 802 -8.90 18.90 23.60
N LYS A 803 -10.05 18.52 23.06
CA LYS A 803 -11.11 17.86 23.82
C LYS A 803 -11.42 16.52 23.16
N SER A 804 -11.20 15.43 23.89
CA SER A 804 -11.71 14.12 23.49
C SER A 804 -13.19 14.01 23.86
N LEU A 805 -14.03 13.66 22.90
CA LEU A 805 -15.48 13.64 23.05
C LEU A 805 -15.99 12.26 23.48
N PRO A 806 -17.01 12.22 24.33
CA PRO A 806 -17.52 10.94 24.79
C PRO A 806 -18.29 10.22 23.70
N ILE A 807 -18.20 8.89 23.70
CA ILE A 807 -18.91 8.08 22.72
C ILE A 807 -20.04 7.33 23.43
N ASP A 808 -21.06 6.97 22.65
CA ASP A 808 -22.15 6.17 23.20
C ASP A 808 -21.62 4.77 23.45
N PHE A 809 -21.32 4.46 24.70
CA PHE A 809 -20.65 3.21 25.06
C PHE A 809 -21.34 2.58 26.25
N ASN A 810 -21.64 1.28 26.17
CA ASN A 810 -22.32 0.61 27.28
C ASN A 810 -22.07 -0.89 27.20
N ASN A 811 -21.73 -1.49 28.35
CA ASN A 811 -21.52 -2.93 28.47
C ASN A 811 -20.51 -3.43 27.44
N GLY A 812 -19.48 -2.64 27.20
CA GLY A 812 -18.43 -3.05 26.29
C GLY A 812 -18.71 -2.81 24.84
N LEU A 813 -19.89 -2.29 24.48
CA LEU A 813 -20.34 -2.19 23.10
C LEU A 813 -20.68 -0.76 22.71
N THR A 814 -20.52 -0.45 21.42
CA THR A 814 -21.07 0.78 20.84
C THR A 814 -21.54 0.50 19.42
N THR A 815 -22.66 1.10 19.03
CA THR A 815 -23.08 1.00 17.64
C THR A 815 -22.40 2.02 16.73
N THR A 816 -21.55 2.89 17.28
CA THR A 816 -20.90 3.92 16.47
C THR A 816 -19.72 3.28 15.74
N LEU A 817 -19.80 3.21 14.43
CA LEU A 817 -18.74 2.62 13.64
C LEU A 817 -17.54 3.56 13.58
N PRO A 818 -16.35 3.04 13.29
CA PRO A 818 -15.17 3.90 13.17
C PRO A 818 -15.41 5.05 12.20
N GLN A 819 -15.04 6.27 12.62
CA GLN A 819 -15.29 7.46 11.83
C GLN A 819 -14.44 7.46 10.58
N VAL A 820 -15.03 7.90 9.46
CA VAL A 820 -14.36 8.09 8.18
C VAL A 820 -14.96 9.33 7.51
N TYR A 821 -14.29 9.82 6.47
CA TYR A 821 -14.80 11.00 5.76
C TYR A 821 -16.04 10.60 4.97
N THR A 822 -17.08 11.42 5.08
CA THR A 822 -18.29 11.14 4.33
C THR A 822 -18.56 12.25 3.32
N ASN A 823 -19.41 11.89 2.34
CA ASN A 823 -19.88 12.76 1.25
C ASN A 823 -18.72 13.45 0.53
N VAL A 824 -17.92 12.61 -0.14
CA VAL A 824 -16.69 13.05 -0.78
C VAL A 824 -16.85 13.11 -2.30
N LEU A 825 -18.07 12.96 -2.82
CA LEU A 825 -18.28 12.82 -4.26
C LEU A 825 -18.24 14.18 -4.92
N THR A 826 -17.30 14.37 -5.83
CA THR A 826 -17.25 15.52 -6.72
C THR A 826 -16.89 15.02 -8.11
N LYS A 827 -17.13 15.86 -9.10
CA LYS A 827 -16.80 15.53 -10.48
C LYS A 827 -15.55 16.30 -10.90
N GLU A 828 -14.67 15.61 -11.61
CA GLU A 828 -13.45 16.24 -12.08
C GLU A 828 -13.41 16.19 -13.59
N PRO A 829 -12.75 17.14 -14.23
CA PRO A 829 -12.71 17.15 -15.69
C PRO A 829 -11.60 16.23 -16.20
N LEU A 830 -11.69 15.90 -17.48
CA LEU A 830 -10.58 15.28 -18.14
C LEU A 830 -9.44 16.29 -18.23
N PRO A 831 -8.21 15.83 -18.37
CA PRO A 831 -7.08 16.76 -18.46
C PRO A 831 -7.22 17.68 -19.66
N GLU A 832 -6.91 18.98 -19.45
CA GLU A 832 -6.96 19.94 -20.55
C GLU A 832 -5.76 19.86 -21.47
N HIS A 833 -4.70 19.16 -21.04
CA HIS A 833 -3.52 19.04 -21.88
C HIS A 833 -2.75 17.79 -21.47
N ILE A 834 -2.34 17.00 -22.45
CA ILE A 834 -1.50 15.83 -22.26
C ILE A 834 -0.27 16.00 -23.14
N PRO A 835 0.93 15.83 -22.63
CA PRO A 835 2.13 16.10 -23.44
C PRO A 835 2.18 15.22 -24.68
N GLU A 836 2.83 15.73 -25.72
CA GLU A 836 2.92 14.98 -26.97
C GLU A 836 3.69 13.69 -26.75
N MET A 837 3.28 12.65 -27.48
CA MET A 837 3.92 11.36 -27.30
C MET A 837 4.66 10.92 -28.57
N PRO A 838 5.75 10.17 -28.43
CA PRO A 838 6.62 9.87 -29.59
C PRO A 838 6.00 8.93 -30.60
N GLU A 839 6.73 8.70 -31.70
CA GLU A 839 6.26 7.86 -32.79
C GLU A 839 6.37 6.38 -32.45
N SER A 848 17.15 -12.84 -28.76
CA SER A 848 18.02 -13.93 -28.31
C SER A 848 17.26 -15.24 -28.10
N GLU A 849 17.81 -16.32 -28.64
CA GLU A 849 17.22 -17.65 -28.51
C GLU A 849 17.52 -18.31 -27.16
N LEU A 850 18.38 -17.71 -26.34
CA LEU A 850 18.72 -18.27 -25.03
C LEU A 850 18.25 -17.42 -23.87
N PHE A 851 18.39 -16.10 -23.96
CA PHE A 851 17.94 -15.16 -22.92
C PHE A 851 16.46 -14.84 -23.14
N ARG A 852 15.61 -15.83 -22.85
CA ARG A 852 14.19 -15.67 -23.05
C ARG A 852 13.62 -14.80 -21.94
N LYS A 853 12.90 -13.74 -22.33
CA LYS A 853 12.23 -12.84 -21.40
C LYS A 853 13.22 -12.21 -20.39
N PHE A 854 14.42 -11.88 -20.89
CA PHE A 854 15.42 -11.23 -20.06
C PHE A 854 14.90 -9.92 -19.51
N SER A 855 15.25 -9.62 -18.27
CA SER A 855 14.98 -8.31 -17.69
C SER A 855 15.96 -8.06 -16.56
N TYR A 856 16.25 -6.77 -16.34
CA TYR A 856 17.19 -6.32 -15.32
C TYR A 856 16.53 -5.21 -14.53
N THR A 857 16.60 -5.27 -13.19
CA THR A 857 15.93 -4.26 -12.37
C THR A 857 16.87 -3.49 -11.46
N GLY A 858 18.17 -3.52 -11.72
CA GLY A 858 19.06 -2.62 -10.99
C GLY A 858 18.94 -1.19 -11.49
N ASP A 859 19.59 -0.27 -10.77
CA ASP A 859 19.57 1.14 -11.16
C ASP A 859 20.23 1.38 -12.50
N GLY A 860 21.24 0.59 -12.84
CA GLY A 860 21.98 0.73 -14.08
C GLY A 860 21.31 -0.01 -15.22
N LYS A 861 22.01 -0.03 -16.35
CA LYS A 861 21.50 -0.65 -17.56
C LYS A 861 22.28 -1.92 -17.86
N ALA A 862 21.56 -2.99 -18.14
CA ALA A 862 22.14 -4.21 -18.69
C ALA A 862 21.95 -4.24 -20.19
N MET A 863 22.68 -5.14 -20.84
CA MET A 863 22.69 -5.25 -22.29
C MET A 863 23.03 -6.68 -22.66
N LEU A 864 22.18 -7.30 -23.48
CA LEU A 864 22.47 -8.62 -24.02
C LEU A 864 23.37 -8.51 -25.25
N ARG A 865 24.41 -9.34 -25.31
CA ARG A 865 25.35 -9.33 -26.43
C ARG A 865 25.76 -10.75 -26.77
N THR A 866 26.22 -10.94 -28.01
CA THR A 866 26.61 -12.25 -28.50
C THR A 866 28.08 -12.27 -28.91
N ASN A 867 28.57 -13.48 -29.19
CA ASN A 867 29.92 -13.73 -29.72
C ASN A 867 31.00 -13.23 -28.76
N MET A 868 31.12 -13.93 -27.64
CA MET A 868 32.11 -13.58 -26.61
C MET A 868 33.51 -14.02 -27.06
N HIS A 869 34.47 -13.13 -26.90
CA HIS A 869 35.87 -13.47 -27.14
C HIS A 869 36.73 -12.34 -26.57
N TRP A 870 38.04 -12.44 -26.76
CA TRP A 870 38.96 -11.40 -26.33
C TRP A 870 38.58 -10.06 -26.96
N GLY A 871 38.48 -9.04 -26.12
CA GLY A 871 38.35 -7.67 -26.59
C GLY A 871 36.99 -7.03 -26.45
N LYS A 872 35.97 -7.75 -25.98
CA LYS A 872 34.64 -7.19 -25.89
C LYS A 872 34.38 -6.62 -24.50
N LYS A 873 33.57 -5.56 -24.46
CA LYS A 873 33.38 -4.80 -23.23
C LYS A 873 32.60 -5.62 -22.21
N ALA A 874 33.05 -5.57 -20.96
CA ALA A 874 32.44 -6.37 -19.90
C ALA A 874 31.24 -5.68 -19.26
N TYR A 875 31.18 -4.34 -19.31
CA TYR A 875 30.16 -3.56 -18.63
C TYR A 875 29.59 -2.52 -19.58
N THR A 876 28.41 -2.02 -19.23
CA THR A 876 27.76 -0.97 -20.00
C THR A 876 28.25 0.43 -19.61
N ASP A 877 28.75 0.60 -18.38
CA ASP A 877 29.17 1.91 -17.86
C ASP A 877 30.67 1.98 -17.65
N LEU A 878 31.43 1.10 -18.30
CA LEU A 878 32.89 1.13 -18.24
C LEU A 878 33.41 0.73 -19.61
N GLU A 879 34.68 1.02 -19.85
CA GLU A 879 35.34 0.64 -21.08
C GLU A 879 36.21 -0.60 -20.91
N TYR A 880 36.15 -1.26 -19.75
CA TYR A 880 36.93 -2.47 -19.52
C TYR A 880 36.52 -3.57 -20.49
N ASN A 881 37.51 -4.33 -20.96
CA ASN A 881 37.28 -5.42 -21.90
C ASN A 881 37.71 -6.75 -21.29
N TYR A 882 37.13 -7.82 -21.81
CA TYR A 882 37.61 -9.17 -21.53
C TYR A 882 38.87 -9.43 -22.34
N THR A 883 39.89 -10.01 -21.68
CA THR A 883 41.14 -10.33 -22.35
C THR A 883 41.27 -11.84 -22.35
N VAL A 884 42.03 -12.43 -21.43
CA VAL A 884 42.18 -13.87 -21.39
C VAL A 884 40.88 -14.50 -20.93
N LEU A 885 40.46 -15.57 -21.61
CA LEU A 885 39.25 -16.30 -21.28
C LEU A 885 39.52 -17.81 -21.33
N PRO A 886 38.99 -18.57 -20.38
CA PRO A 886 38.96 -20.03 -20.54
C PRO A 886 38.23 -20.40 -21.83
N ARG A 887 38.68 -21.49 -22.45
CA ARG A 887 38.23 -21.82 -23.80
C ARG A 887 36.71 -21.90 -23.91
N TYR A 888 36.06 -22.46 -22.89
CA TYR A 888 34.62 -22.69 -23.00
C TYR A 888 33.81 -21.40 -22.97
N LEU A 889 34.40 -20.28 -22.55
CA LEU A 889 33.66 -19.02 -22.48
C LEU A 889 33.49 -18.37 -23.83
N ASN A 890 34.36 -18.66 -24.80
CA ASN A 890 34.30 -17.98 -26.08
C ASN A 890 33.03 -18.37 -26.85
N GLU A 891 32.55 -17.42 -27.65
CA GLU A 891 31.35 -17.52 -28.47
C GLU A 891 30.06 -17.56 -27.66
N SER A 892 30.14 -17.31 -26.36
CA SER A 892 28.95 -17.30 -25.50
C SER A 892 28.18 -16.00 -25.63
N GLU A 893 26.86 -16.09 -25.48
CA GLU A 893 26.08 -14.88 -25.23
C GLU A 893 26.38 -14.40 -23.81
N TYR A 894 26.29 -13.08 -23.62
CA TYR A 894 26.66 -12.51 -22.33
C TYR A 894 25.84 -11.27 -22.06
N VAL A 895 25.75 -10.94 -20.77
CA VAL A 895 25.05 -9.76 -20.28
C VAL A 895 26.11 -8.75 -19.87
N ARG A 896 26.20 -7.64 -20.59
CA ARG A 896 26.99 -6.50 -20.12
C ARG A 896 26.22 -5.84 -18.98
N THR A 897 26.69 -6.04 -17.76
CA THR A 897 26.01 -5.51 -16.59
C THR A 897 26.50 -4.09 -16.29
N PRO A 898 25.76 -3.31 -15.47
CA PRO A 898 26.30 -2.01 -15.04
C PRO A 898 27.11 -2.14 -13.78
N ASN A 899 28.39 -1.78 -13.83
CA ASN A 899 29.23 -1.86 -12.63
C ASN A 899 28.70 -0.97 -11.50
N SER A 900 27.94 0.09 -11.84
CA SER A 900 27.40 0.99 -10.82
C SER A 900 26.51 0.27 -9.81
N ASP A 901 25.87 -0.84 -10.22
CA ASP A 901 25.06 -1.66 -9.33
C ASP A 901 25.88 -2.66 -8.53
N ASN A 902 27.19 -2.42 -8.35
CA ASN A 902 28.07 -3.41 -7.73
C ASN A 902 27.71 -3.74 -6.29
N ARG A 903 27.01 -2.86 -5.59
CA ARG A 903 26.55 -3.15 -4.22
C ARG A 903 25.04 -3.04 -4.11
N TYR A 904 24.35 -3.01 -5.24
CA TYR A 904 22.89 -3.06 -5.30
C TYR A 904 22.39 -4.47 -4.98
N TRP A 905 21.16 -4.54 -4.46
CA TRP A 905 20.46 -5.81 -4.23
C TRP A 905 19.01 -5.70 -4.66
N ALA A 906 18.56 -6.65 -5.47
CA ALA A 906 17.13 -6.85 -5.69
C ALA A 906 16.88 -8.34 -5.85
N ARG A 907 15.78 -8.83 -5.28
CA ARG A 907 15.39 -10.22 -5.48
C ARG A 907 15.33 -10.55 -6.96
N ASP A 908 14.74 -9.67 -7.74
CA ASP A 908 14.64 -9.88 -9.18
C ASP A 908 15.59 -8.92 -9.91
N GLN A 909 16.88 -8.97 -9.56
CA GLN A 909 17.82 -8.08 -10.21
C GLN A 909 18.01 -8.45 -11.69
N LEU A 910 18.27 -9.72 -11.96
CA LEU A 910 18.55 -10.21 -13.31
C LEU A 910 17.85 -11.55 -13.49
N GLN A 911 17.03 -11.67 -14.54
CA GLN A 911 16.26 -12.88 -14.74
C GLN A 911 16.12 -13.19 -16.22
N PHE A 912 15.78 -14.44 -16.51
CA PHE A 912 15.41 -14.92 -17.84
C PHE A 912 14.97 -16.38 -17.72
N ILE A 913 14.23 -16.83 -18.72
CA ILE A 913 13.88 -18.23 -18.86
C ILE A 913 14.87 -18.87 -19.84
N ALA A 914 15.39 -20.04 -19.48
CA ALA A 914 16.36 -20.69 -20.34
C ALA A 914 15.68 -21.08 -21.65
N GLY A 915 16.11 -20.47 -22.76
CA GLY A 915 15.48 -20.72 -24.04
C GLY A 915 15.75 -22.12 -24.56
N LYS A 916 16.97 -22.62 -24.33
CA LYS A 916 17.33 -24.00 -24.65
C LYS A 916 18.09 -24.55 -23.46
N LYS A 917 18.41 -25.85 -23.50
CA LYS A 917 19.34 -26.41 -22.53
C LYS A 917 20.70 -25.75 -22.72
N MET A 918 21.28 -25.23 -21.64
CA MET A 918 22.40 -24.30 -21.81
C MET A 918 23.31 -24.30 -20.59
N HIS A 919 24.53 -23.80 -20.81
CA HIS A 919 25.50 -23.54 -19.74
C HIS A 919 25.39 -22.09 -19.28
N ILE A 920 25.38 -21.90 -17.96
CA ILE A 920 25.27 -20.58 -17.34
C ILE A 920 26.52 -20.33 -16.52
N TYR A 921 27.23 -19.24 -16.85
CA TYR A 921 28.46 -18.88 -16.18
C TYR A 921 28.28 -17.53 -15.51
N VAL A 922 28.61 -17.46 -14.23
CA VAL A 922 28.54 -16.22 -13.47
C VAL A 922 29.94 -15.90 -13.00
N LEU A 923 30.48 -14.78 -13.48
CA LEU A 923 31.81 -14.32 -13.09
C LEU A 923 31.64 -13.43 -11.86
N HIS A 924 32.26 -13.83 -10.75
CA HIS A 924 32.04 -13.17 -9.46
C HIS A 924 33.35 -12.74 -8.85
N ASP A 925 33.41 -11.47 -8.42
CA ASP A 925 34.58 -10.87 -7.80
C ASP A 925 34.98 -11.64 -6.54
N ASP A 926 36.25 -12.05 -6.49
CA ASP A 926 36.75 -12.83 -5.36
C ASP A 926 36.69 -12.06 -4.05
N THR A 927 36.73 -10.72 -4.10
CA THR A 927 36.65 -9.89 -2.90
C THR A 927 35.24 -9.69 -2.37
N VAL A 928 34.23 -10.29 -2.99
CA VAL A 928 32.83 -10.09 -2.60
C VAL A 928 32.34 -11.39 -1.96
N PRO A 929 31.75 -11.33 -0.77
CA PRO A 929 31.10 -12.52 -0.20
C PRO A 929 30.13 -13.11 -1.21
N ARG A 930 30.24 -14.43 -1.43
CA ARG A 930 29.40 -15.08 -2.42
C ARG A 930 27.94 -14.98 -2.00
N PRO A 931 27.06 -14.50 -2.87
CA PRO A 931 25.63 -14.41 -2.52
C PRO A 931 24.97 -15.79 -2.56
N GLU A 932 23.76 -15.84 -1.98
CA GLU A 932 23.11 -17.13 -1.73
C GLU A 932 22.71 -17.83 -3.02
N PHE A 933 22.25 -17.07 -4.03
CA PHE A 933 21.79 -17.70 -5.27
C PHE A 933 22.94 -18.36 -6.01
N LEU A 934 24.14 -17.80 -5.87
CA LEU A 934 25.32 -18.38 -6.50
C LEU A 934 25.68 -19.72 -5.88
N LEU A 935 25.69 -19.78 -4.54
CA LEU A 935 26.05 -21.01 -3.85
C LEU A 935 24.97 -22.06 -3.95
N ARG A 936 23.72 -21.65 -4.18
CA ARG A 936 22.62 -22.60 -4.20
C ARG A 936 22.57 -23.40 -5.50
N ASP A 937 22.91 -22.77 -6.64
CA ASP A 937 22.69 -23.41 -7.93
C ASP A 937 23.89 -23.39 -8.85
N TYR A 938 25.05 -22.94 -8.38
CA TYR A 938 26.23 -22.82 -9.22
C TYR A 938 27.40 -23.47 -8.50
N GLU A 939 28.23 -24.18 -9.25
CA GLU A 939 29.45 -24.74 -8.67
C GLU A 939 30.64 -23.89 -9.10
N ASP A 940 31.70 -23.96 -8.30
CA ASP A 940 32.94 -23.26 -8.62
C ASP A 940 33.72 -24.06 -9.65
N THR A 941 34.14 -23.38 -10.73
CA THR A 941 34.89 -24.00 -11.82
C THR A 941 36.35 -24.24 -11.44
N GLY A 942 36.89 -23.48 -10.48
CA GLY A 942 38.32 -23.42 -10.24
C GLY A 942 39.04 -22.37 -11.10
N ASP A 943 38.57 -22.17 -12.32
CA ASP A 943 39.10 -21.16 -13.24
C ASP A 943 38.70 -19.76 -12.79
N ASN A 944 39.49 -18.78 -13.24
CA ASN A 944 39.22 -17.36 -13.01
C ASN A 944 39.32 -16.61 -14.33
N VAL A 945 38.71 -15.42 -14.35
CA VAL A 945 38.79 -14.51 -15.49
C VAL A 945 39.20 -13.14 -14.94
N ASN A 946 40.40 -12.70 -15.31
CA ASN A 946 40.89 -11.42 -14.83
C ASN A 946 40.46 -10.31 -15.79
N VAL A 947 39.86 -9.27 -15.24
CA VAL A 947 39.35 -8.12 -15.98
C VAL A 947 39.93 -6.89 -15.31
N VAL A 948 41.03 -6.35 -15.88
CA VAL A 948 41.71 -5.15 -15.39
C VAL A 948 41.89 -5.25 -13.89
N GLY A 949 42.77 -6.16 -13.45
CA GLY A 949 43.16 -6.27 -12.06
C GLY A 949 42.18 -6.97 -11.13
N ALA A 950 40.93 -7.16 -11.54
CA ALA A 950 39.93 -7.81 -10.69
C ALA A 950 39.79 -9.27 -11.11
N SER A 951 39.96 -10.20 -10.16
CA SER A 951 39.87 -11.62 -10.44
C SER A 951 38.44 -12.10 -10.19
N MET A 952 37.80 -12.59 -11.24
CA MET A 952 36.41 -13.03 -11.20
C MET A 952 36.37 -14.55 -11.32
N SER A 953 35.92 -15.22 -10.26
CA SER A 953 35.76 -16.67 -10.31
C SER A 953 34.54 -17.02 -11.15
N VAL A 954 34.71 -18.00 -12.03
CA VAL A 954 33.60 -18.48 -12.84
C VAL A 954 32.78 -19.47 -12.04
N PHE A 955 31.47 -19.31 -12.05
CA PHE A 955 30.57 -20.27 -11.44
C PHE A 955 29.71 -20.85 -12.54
N HIS A 956 29.51 -22.16 -12.51
CA HIS A 956 28.91 -22.88 -13.61
C HIS A 956 27.58 -23.46 -13.19
N ARG A 957 26.60 -23.39 -14.10
CA ARG A 957 25.28 -23.98 -13.90
C ARG A 957 24.77 -24.49 -15.25
N VAL A 958 24.27 -25.72 -15.26
CA VAL A 958 23.60 -26.28 -16.43
C VAL A 958 22.09 -26.18 -16.18
N ALA A 959 21.39 -25.55 -17.11
CA ALA A 959 19.95 -25.35 -17.00
C ALA A 959 19.25 -26.05 -18.17
N GLU A 960 18.15 -26.73 -17.84
CA GLU A 960 17.26 -27.29 -18.86
C GLU A 960 16.47 -26.18 -19.54
N GLU A 961 15.85 -26.51 -20.68
CA GLU A 961 15.01 -25.56 -21.39
C GLU A 961 13.80 -25.19 -20.54
N GLY A 962 13.51 -23.89 -20.44
CA GLY A 962 12.39 -23.41 -19.66
C GLY A 962 12.67 -23.20 -18.19
N GLU A 963 13.86 -23.53 -17.71
CA GLU A 963 14.23 -23.30 -16.31
C GLU A 963 14.25 -21.80 -16.01
N SER A 964 13.71 -21.44 -14.84
CA SER A 964 13.63 -20.06 -14.41
C SER A 964 14.94 -19.64 -13.74
N ILE A 965 15.66 -18.69 -14.34
CA ILE A 965 16.99 -18.28 -13.89
C ILE A 965 16.86 -16.90 -13.24
N ILE A 966 16.90 -16.87 -11.90
CA ILE A 966 16.73 -15.64 -11.13
C ILE A 966 18.04 -15.34 -10.41
N MET A 967 18.55 -14.13 -10.57
CA MET A 967 19.77 -13.69 -9.91
C MET A 967 19.46 -12.45 -9.05
N ALA A 968 20.10 -12.37 -7.89
CA ALA A 968 19.87 -11.31 -6.91
C ALA A 968 21.13 -10.45 -6.82
N GLY A 969 21.35 -9.82 -5.67
CA GLY A 969 22.45 -8.87 -5.53
C GLY A 969 23.82 -9.51 -5.60
N ASN A 970 24.81 -8.67 -5.96
CA ASN A 970 26.20 -9.11 -6.04
C ASN A 970 26.69 -9.70 -4.71
N SER A 971 26.25 -9.12 -3.59
CA SER A 971 26.50 -9.64 -2.26
C SER A 971 25.19 -9.65 -1.48
N ASP A 972 25.11 -10.54 -0.49
CA ASP A 972 23.91 -10.58 0.34
C ASP A 972 23.86 -9.40 1.30
N GLY A 973 25.02 -9.03 1.86
CA GLY A 973 25.12 -7.89 2.76
C GLY A 973 26.13 -6.84 2.30
N ASP A 974 27.06 -6.47 3.19
CA ASP A 974 28.05 -5.46 2.87
C ASP A 974 29.07 -6.02 1.86
N ALA A 975 29.87 -5.13 1.29
CA ALA A 975 30.86 -5.49 0.27
C ALA A 975 31.88 -4.37 0.16
N PRO A 976 33.00 -4.59 -0.53
CA PRO A 976 33.93 -3.48 -0.79
C PRO A 976 33.31 -2.44 -1.73
N GLU A 977 33.57 -1.16 -1.42
CA GLU A 977 32.97 -0.09 -2.21
C GLU A 977 33.43 -0.13 -3.66
N ASN A 978 34.67 -0.55 -3.90
CA ASN A 978 35.25 -0.57 -5.24
C ASN A 978 35.24 -1.97 -5.87
N CYS A 979 34.34 -2.84 -5.43
CA CYS A 979 34.26 -4.18 -6.00
C CYS A 979 33.60 -4.11 -7.39
N ARG A 980 33.64 -5.25 -8.10
CA ARG A 980 33.08 -5.35 -9.43
C ARG A 980 31.73 -6.06 -9.41
N MET A 981 30.77 -5.51 -10.14
CA MET A 981 29.51 -6.19 -10.38
C MET A 981 29.76 -7.47 -11.17
N TYR A 982 28.96 -8.50 -10.88
CA TYR A 982 29.15 -9.77 -11.56
C TYR A 982 28.64 -9.71 -12.99
N THR A 983 29.11 -10.64 -13.81
CA THR A 983 28.64 -10.76 -15.19
C THR A 983 28.17 -12.18 -15.43
N VAL A 984 27.33 -12.32 -16.46
CA VAL A 984 26.70 -13.58 -16.82
C VAL A 984 27.08 -13.95 -18.25
N MET A 985 27.32 -15.23 -18.47
CA MET A 985 27.59 -15.78 -19.79
C MET A 985 26.80 -17.07 -19.96
N VAL A 986 26.40 -17.33 -21.20
CA VAL A 986 25.42 -18.38 -21.49
C VAL A 986 25.79 -19.01 -22.83
N LYS A 987 25.86 -20.34 -22.88
CA LYS A 987 26.10 -21.06 -24.12
C LYS A 987 25.19 -22.28 -24.19
N GLU A 988 24.66 -22.55 -25.39
CA GLU A 988 23.79 -23.69 -25.58
C GLU A 988 24.53 -25.00 -25.29
N PHE A 989 23.82 -25.96 -24.69
CA PHE A 989 24.45 -27.20 -24.26
C PHE A 989 25.10 -27.92 -25.42
N LYS A 990 24.31 -28.26 -26.45
CA LYS A 990 24.81 -28.91 -27.66
C LYS A 990 25.59 -30.19 -27.34
#